data_8VZ1
#
_entry.id   8VZ1
#
_cell.length_a   53.529
_cell.length_b   58.971
_cell.length_c   93.745
_cell.angle_alpha   86.51
_cell.angle_beta   75.05
_cell.angle_gamma   63.02
#
_symmetry.space_group_name_H-M   'P 1'
#
loop_
_entity.id
_entity.type
_entity.pdbx_description
1 polymer 'Estrogen receptor'
2 non-polymer "4,4'-[(1S,4S,5R)-5-(6-methoxy-3,4-dihydroquinoline-1(2H)-sulfonyl)-7-oxabicyclo[2.2.1]hept-2-ene-2,3-diyl]diphenol"
3 water water
#
_entity_poly.entity_id   1
_entity_poly.type   'polypeptide(L)'
_entity_poly.pdbx_seq_one_letter_code
;SLALSLTADQMVSALLDAEPPILYSEYDPTRPFSEASMMGLLTNLADRELVHMINWAKRVPGFVDLTSHDQVHLLECAWL
EILMIGLVWRSMEHPGKLLFAPNLLLDRNQGKCVEGMVEIFDMLLATSSRFRMMNLQGEEFVCLKSIILLNSGVYTFLSS
TLKSLEEKDHIHRVLDKITDTLIHLMAKAGLTLQQQHQRLAQLLLILSHIRHMSNKGMEHLYSMKCKNVVPSYDLLLEML
DAH
;
_entity_poly.pdbx_strand_id   A,B,C,D
#
loop_
_chem_comp.id
_chem_comp.type
_chem_comp.name
_chem_comp.formula
A1AHS non-polymer 4,4'-[(1S,4S,5R)-5-(6-methoxy-3,4-dihydroquinoline-1(2H)-sulfonyl)-7-oxabicyclo[2.2.1]hept-2-ene-2,3-diyl]diphenol 'C28 H27 N O6 S'
#
# COMPACT_ATOMS: atom_id res chain seq x y z
N SER A 1 43.90 4.12 -26.98
CA SER A 1 42.69 4.16 -26.17
C SER A 1 41.58 4.94 -26.86
N LEU A 2 40.75 4.24 -27.65
CA LEU A 2 39.65 4.89 -28.34
C LEU A 2 38.46 5.13 -27.41
N ALA A 3 38.44 4.45 -26.27
CA ALA A 3 37.20 4.26 -25.55
C ALA A 3 36.59 5.58 -25.07
N LEU A 4 37.40 6.42 -24.43
CA LEU A 4 36.87 7.66 -23.88
C LEU A 4 36.51 8.69 -24.94
N SER A 5 36.70 8.39 -26.23
CA SER A 5 36.34 9.35 -27.26
C SER A 5 34.86 9.27 -27.67
N LEU A 6 34.17 8.20 -27.32
CA LEU A 6 32.82 7.99 -27.85
C LEU A 6 31.84 9.03 -27.31
N THR A 7 30.84 9.33 -28.15
CA THR A 7 29.72 10.15 -27.72
C THR A 7 28.65 9.26 -27.11
N ALA A 8 27.68 9.91 -26.47
CA ALA A 8 26.65 9.15 -25.78
C ALA A 8 25.88 8.27 -26.76
N ASP A 9 25.53 8.82 -27.93
CA ASP A 9 24.70 8.08 -28.87
C ASP A 9 25.39 6.81 -29.35
N GLN A 10 26.71 6.86 -29.50
CA GLN A 10 27.44 5.68 -29.96
C GLN A 10 27.72 4.70 -28.83
N MET A 11 27.57 5.13 -27.57
CA MET A 11 27.70 4.22 -26.43
C MET A 11 26.50 3.28 -26.34
N VAL A 12 25.30 3.86 -26.28
CA VAL A 12 24.06 3.11 -26.43
C VAL A 12 24.16 2.11 -27.59
N SER A 13 24.47 2.61 -28.78
CA SER A 13 24.50 1.70 -29.93
C SER A 13 25.51 0.59 -29.72
N ALA A 14 26.69 0.92 -29.19
CA ALA A 14 27.69 -0.11 -28.95
C ALA A 14 27.17 -1.16 -27.97
N LEU A 15 26.49 -0.73 -26.91
CA LEU A 15 26.01 -1.69 -25.91
C LEU A 15 24.84 -2.51 -26.43
N LEU A 16 23.90 -1.87 -27.14
CA LEU A 16 22.76 -2.60 -27.69
C LEU A 16 23.21 -3.72 -28.62
N ASP A 17 24.09 -3.41 -29.56
CA ASP A 17 24.61 -4.43 -30.46
C ASP A 17 25.33 -5.55 -29.70
N ALA A 18 25.84 -5.26 -28.50
CA ALA A 18 26.60 -6.24 -27.73
C ALA A 18 25.75 -7.19 -26.93
N GLU A 19 24.45 -6.89 -26.79
CA GLU A 19 23.57 -7.69 -25.96
C GLU A 19 23.68 -9.17 -26.36
N PRO A 20 23.81 -10.08 -25.40
CA PRO A 20 23.90 -11.52 -25.75
C PRO A 20 22.54 -12.08 -26.07
N PRO A 21 22.47 -13.31 -26.59
CA PRO A 21 21.17 -13.92 -26.90
C PRO A 21 20.50 -14.43 -25.63
N ILE A 22 19.20 -14.66 -25.75
CA ILE A 22 18.44 -15.35 -24.70
C ILE A 22 18.47 -16.83 -25.03
N LEU A 23 19.08 -17.64 -24.17
CA LEU A 23 19.14 -19.08 -24.37
C LEU A 23 17.91 -19.76 -23.77
N TYR A 24 17.63 -20.96 -24.27
CA TYR A 24 16.57 -21.77 -23.71
C TYR A 24 17.13 -22.70 -22.66
N SER A 25 16.27 -23.10 -21.75
CA SER A 25 16.61 -24.15 -20.79
C SER A 25 16.50 -25.53 -21.42
N GLU A 26 16.88 -26.53 -20.64
CA GLU A 26 16.91 -27.90 -21.16
C GLU A 26 15.48 -28.42 -21.38
N TYR A 27 15.23 -28.79 -22.62
CA TYR A 27 13.87 -28.93 -23.12
C TYR A 27 13.08 -30.08 -22.51
N ASP A 28 13.75 -31.07 -21.92
CA ASP A 28 13.04 -32.30 -21.59
C ASP A 28 12.91 -32.53 -20.10
N PRO A 29 12.72 -31.51 -19.28
CA PRO A 29 12.83 -31.72 -17.83
C PRO A 29 11.63 -32.49 -17.33
N THR A 30 11.89 -33.55 -16.57
CA THR A 30 10.83 -34.18 -15.81
C THR A 30 10.30 -33.15 -14.82
N ARG A 31 8.99 -32.98 -14.76
CA ARG A 31 8.42 -32.18 -13.68
C ARG A 31 7.33 -32.96 -12.99
N PRO A 32 7.09 -32.71 -11.68
CA PRO A 32 7.63 -31.61 -10.89
C PRO A 32 9.13 -31.73 -10.63
N PHE A 33 9.79 -30.62 -10.33
CA PHE A 33 11.22 -30.66 -10.06
C PHE A 33 11.48 -31.20 -8.65
N SER A 34 12.67 -31.77 -8.48
CA SER A 34 13.32 -31.95 -7.18
C SER A 34 14.34 -30.84 -6.98
N GLU A 35 14.87 -30.75 -5.76
CA GLU A 35 15.95 -29.77 -5.53
C GLU A 35 17.09 -30.00 -6.49
N ALA A 36 17.51 -31.26 -6.64
CA ALA A 36 18.66 -31.55 -7.48
C ALA A 36 18.44 -31.16 -8.92
N SER A 37 17.31 -31.56 -9.50
CA SER A 37 17.11 -31.35 -10.94
C SER A 37 16.94 -29.87 -11.25
N MET A 38 16.29 -29.13 -10.36
CA MET A 38 16.18 -27.70 -10.62
C MET A 38 17.55 -27.06 -10.65
N MET A 39 18.37 -27.34 -9.63
CA MET A 39 19.75 -26.85 -9.63
C MET A 39 20.44 -27.26 -10.91
N GLY A 40 20.15 -28.47 -11.40
CA GLY A 40 20.79 -28.97 -12.61
C GLY A 40 20.44 -28.13 -13.82
N LEU A 41 19.17 -27.79 -13.98
CA LEU A 41 18.77 -26.92 -15.07
C LEU A 41 19.38 -25.52 -14.90
N LEU A 42 19.35 -24.98 -13.68
CA LEU A 42 19.81 -23.61 -13.55
C LEU A 42 21.32 -23.51 -13.76
N THR A 43 22.06 -24.47 -13.19
CA THR A 43 23.50 -24.46 -13.36
C THR A 43 23.86 -24.59 -14.82
N ASN A 44 23.10 -25.41 -15.55
CA ASN A 44 23.38 -25.66 -16.94
C ASN A 44 23.10 -24.43 -17.79
N LEU A 45 21.98 -23.75 -17.52
CA LEU A 45 21.70 -22.50 -18.22
C LEU A 45 22.79 -21.46 -17.93
N ALA A 46 23.14 -21.30 -16.64
CA ALA A 46 24.14 -20.30 -16.23
C ALA A 46 25.48 -20.59 -16.89
N ASP A 47 25.81 -21.87 -17.04
CA ASP A 47 27.10 -22.21 -17.64
C ASP A 47 27.12 -21.86 -19.13
N ARG A 48 26.01 -22.01 -19.80
CA ARG A 48 25.94 -21.61 -21.19
C ARG A 48 25.85 -20.10 -21.32
N GLU A 49 25.04 -19.44 -20.48
CA GLU A 49 25.04 -17.98 -20.50
C GLU A 49 26.43 -17.41 -20.28
N LEU A 50 27.22 -18.02 -19.41
CA LEU A 50 28.52 -17.43 -19.08
C LEU A 50 29.39 -17.24 -20.33
N VAL A 51 29.31 -18.19 -21.25
CA VAL A 51 30.06 -18.10 -22.50
C VAL A 51 29.68 -16.84 -23.25
N HIS A 52 28.39 -16.61 -23.36
CA HIS A 52 27.95 -15.41 -24.05
C HIS A 52 28.23 -14.15 -23.24
N MET A 53 28.34 -14.27 -21.92
CA MET A 53 28.57 -13.05 -21.15
C MET A 53 29.98 -12.56 -21.37
N ILE A 54 30.91 -13.48 -21.65
CA ILE A 54 32.29 -13.13 -21.95
C ILE A 54 32.38 -12.35 -23.26
N ASN A 55 31.69 -12.83 -24.30
CA ASN A 55 31.71 -12.16 -25.59
C ASN A 55 31.14 -10.76 -25.49
N TRP A 56 30.09 -10.61 -24.69
CA TRP A 56 29.52 -9.29 -24.47
C TRP A 56 30.50 -8.39 -23.72
N ALA A 57 31.19 -8.92 -22.70
CA ALA A 57 32.04 -8.05 -21.90
C ALA A 57 33.16 -7.45 -22.74
N LYS A 58 33.70 -8.24 -23.68
CA LYS A 58 34.79 -7.80 -24.54
C LYS A 58 34.34 -6.73 -25.54
N ARG A 59 33.04 -6.53 -25.69
CA ARG A 59 32.49 -5.48 -26.53
C ARG A 59 31.94 -4.31 -25.72
N VAL A 60 32.18 -4.29 -24.41
CA VAL A 60 31.87 -3.12 -23.60
C VAL A 60 32.99 -2.12 -23.84
N PRO A 61 32.70 -0.93 -24.35
CA PRO A 61 33.79 0.02 -24.61
C PRO A 61 34.69 0.18 -23.38
N GLY A 62 35.99 -0.01 -23.58
CA GLY A 62 36.97 0.15 -22.52
C GLY A 62 37.35 -1.13 -21.79
N PHE A 63 36.51 -2.17 -21.87
CA PHE A 63 36.80 -3.36 -21.07
C PHE A 63 38.10 -4.01 -21.52
N VAL A 64 38.33 -4.11 -22.84
CA VAL A 64 39.50 -4.84 -23.32
C VAL A 64 40.77 -4.01 -23.34
N ASP A 65 40.70 -2.73 -22.96
CA ASP A 65 41.91 -1.97 -22.69
C ASP A 65 42.62 -2.50 -21.44
N LEU A 66 41.85 -3.10 -20.54
CA LEU A 66 42.44 -3.62 -19.32
C LEU A 66 43.31 -4.85 -19.61
N THR A 67 44.27 -5.08 -18.73
CA THR A 67 45.02 -6.33 -18.78
C THR A 67 44.05 -7.49 -18.69
N SER A 68 44.51 -8.66 -19.13
CA SER A 68 43.68 -9.87 -19.03
C SER A 68 43.41 -10.24 -17.58
N HIS A 69 44.42 -10.12 -16.73
CA HIS A 69 44.22 -10.39 -15.30
C HIS A 69 43.07 -9.55 -14.72
N ASP A 70 42.97 -8.28 -15.10
CA ASP A 70 41.95 -7.42 -14.51
C ASP A 70 40.59 -7.60 -15.15
N GLN A 71 40.57 -8.00 -16.43
CA GLN A 71 39.32 -8.42 -17.05
C GLN A 71 38.72 -9.59 -16.30
N VAL A 72 39.54 -10.58 -15.95
CA VAL A 72 39.03 -11.73 -15.21
C VAL A 72 38.53 -11.30 -13.83
N HIS A 73 39.31 -10.44 -13.15
CA HIS A 73 38.93 -10.00 -11.82
C HIS A 73 37.55 -9.35 -11.87
N LEU A 74 37.32 -8.52 -12.86
CA LEU A 74 36.01 -7.89 -12.97
C LEU A 74 34.91 -8.92 -13.22
N LEU A 75 35.16 -9.91 -14.08
CA LEU A 75 34.10 -10.88 -14.35
C LEU A 75 33.84 -11.75 -13.11
N GLU A 76 34.92 -12.10 -12.38
CA GLU A 76 34.78 -12.89 -11.15
C GLU A 76 33.84 -12.20 -10.17
N CYS A 77 34.00 -10.89 -9.98
CA CYS A 77 33.20 -10.17 -9.01
C CYS A 77 31.77 -9.90 -9.49
N ALA A 78 31.53 -9.79 -10.79
CA ALA A 78 30.25 -9.33 -11.30
C ALA A 78 29.38 -10.42 -11.90
N TRP A 79 29.92 -11.62 -12.16
CA TRP A 79 29.22 -12.52 -13.08
C TRP A 79 27.80 -12.84 -12.58
N LEU A 80 27.63 -13.12 -11.28
CA LEU A 80 26.30 -13.46 -10.77
C LEU A 80 25.34 -12.27 -10.79
N GLU A 81 25.83 -11.07 -10.43
CA GLU A 81 24.99 -9.87 -10.52
C GLU A 81 24.46 -9.63 -11.96
N ILE A 82 25.31 -9.87 -12.98
CA ILE A 82 24.92 -9.73 -14.38
C ILE A 82 23.91 -10.79 -14.79
N LEU A 83 24.07 -12.04 -14.33
CA LEU A 83 23.04 -13.04 -14.61
C LEU A 83 21.71 -12.62 -13.99
N MET A 84 21.79 -12.02 -12.80
CA MET A 84 20.59 -11.64 -12.05
C MET A 84 19.89 -10.45 -12.71
N ILE A 85 20.63 -9.42 -13.12
CA ILE A 85 19.95 -8.28 -13.70
C ILE A 85 19.31 -8.66 -15.03
N GLY A 86 20.00 -9.50 -15.79
CA GLY A 86 19.40 -10.04 -17.00
C GLY A 86 18.13 -10.80 -16.70
N LEU A 87 18.16 -11.60 -15.63
CA LEU A 87 16.95 -12.34 -15.24
C LEU A 87 15.84 -11.37 -14.86
N VAL A 88 16.17 -10.36 -14.05
CA VAL A 88 15.22 -9.33 -13.63
C VAL A 88 14.62 -8.63 -14.83
N TRP A 89 15.47 -8.27 -15.82
CA TRP A 89 14.97 -7.63 -17.03
C TRP A 89 14.02 -8.57 -17.78
N ARG A 90 14.42 -9.82 -17.97
CA ARG A 90 13.55 -10.73 -18.72
C ARG A 90 12.18 -10.84 -18.08
N SER A 91 12.11 -10.66 -16.76
CA SER A 91 10.90 -10.95 -16.01
C SER A 91 10.03 -9.75 -15.75
N MET A 92 10.41 -8.56 -16.23
CA MET A 92 9.60 -7.37 -15.99
C MET A 92 8.16 -7.59 -16.37
N GLU A 93 7.93 -8.21 -17.51
CA GLU A 93 6.59 -8.38 -18.05
C GLU A 93 5.84 -9.55 -17.43
N HIS A 94 6.32 -10.15 -16.33
CA HIS A 94 5.72 -11.36 -15.78
C HIS A 94 5.57 -11.22 -14.28
N PRO A 95 4.60 -10.43 -13.84
CA PRO A 95 4.44 -10.21 -12.40
C PRO A 95 4.33 -11.51 -11.63
N GLY A 96 5.12 -11.61 -10.55
CA GLY A 96 5.10 -12.79 -9.72
C GLY A 96 5.82 -13.98 -10.30
N LYS A 97 6.60 -13.77 -11.37
CA LYS A 97 7.26 -14.87 -12.06
C LYS A 97 8.67 -14.47 -12.46
N LEU A 98 9.56 -15.44 -12.50
CA LEU A 98 10.93 -15.22 -12.95
C LEU A 98 11.12 -16.02 -14.22
N LEU A 99 11.45 -15.32 -15.31
CA LEU A 99 11.59 -15.93 -16.63
C LEU A 99 13.07 -16.25 -16.83
N PHE A 100 13.49 -17.38 -16.25
CA PHE A 100 14.86 -17.87 -16.45
C PHE A 100 15.14 -18.09 -17.92
N ALA A 101 14.18 -18.69 -18.62
CA ALA A 101 14.25 -18.87 -20.06
C ALA A 101 12.84 -18.94 -20.61
N PRO A 102 12.65 -18.65 -21.90
CA PRO A 102 11.28 -18.65 -22.44
C PRO A 102 10.50 -19.92 -22.10
N ASN A 103 11.18 -21.05 -21.87
CA ASN A 103 10.56 -22.32 -21.53
C ASN A 103 10.80 -22.72 -20.09
N LEU A 104 11.08 -21.75 -19.22
CA LEU A 104 11.35 -22.03 -17.81
C LEU A 104 10.90 -20.80 -17.01
N LEU A 105 9.59 -20.61 -16.93
CA LEU A 105 8.99 -19.51 -16.19
C LEU A 105 8.51 -20.07 -14.85
N LEU A 106 9.03 -19.55 -13.76
CA LEU A 106 8.89 -20.14 -12.43
C LEU A 106 8.19 -19.14 -11.53
N ASP A 107 7.30 -19.65 -10.67
CA ASP A 107 6.68 -18.77 -9.69
C ASP A 107 7.44 -18.85 -8.39
N ARG A 108 6.96 -18.09 -7.40
CA ARG A 108 7.56 -18.11 -6.08
C ARG A 108 7.39 -19.46 -5.41
N ASN A 109 6.22 -20.09 -5.60
CA ASN A 109 5.95 -21.37 -4.97
C ASN A 109 6.85 -22.47 -5.51
N GLN A 110 7.41 -22.28 -6.70
CA GLN A 110 8.33 -23.29 -7.23
C GLN A 110 9.72 -23.12 -6.64
N GLY A 111 10.09 -21.88 -6.30
CA GLY A 111 11.44 -21.63 -5.79
C GLY A 111 11.72 -22.34 -4.48
N LYS A 112 10.67 -22.66 -3.72
CA LYS A 112 10.87 -23.19 -2.38
C LYS A 112 11.17 -24.68 -2.34
N CYS A 113 11.07 -25.41 -3.45
CA CYS A 113 11.53 -26.79 -3.41
C CYS A 113 13.06 -26.87 -3.46
N VAL A 114 13.73 -25.74 -3.68
CA VAL A 114 15.13 -25.56 -3.32
C VAL A 114 15.17 -24.88 -1.96
N GLU A 115 15.97 -25.42 -1.04
CA GLU A 115 15.83 -25.08 0.38
C GLU A 115 15.83 -23.58 0.64
N GLY A 116 16.97 -22.93 0.44
CA GLY A 116 17.07 -21.54 0.82
C GLY A 116 16.73 -20.54 -0.26
N MET A 117 16.29 -21.00 -1.43
CA MET A 117 16.22 -20.12 -2.58
C MET A 117 15.00 -19.20 -2.58
N VAL A 118 13.98 -19.47 -1.77
CA VAL A 118 12.76 -18.69 -1.92
C VAL A 118 13.01 -17.24 -1.51
N GLU A 119 13.87 -17.02 -0.53
CA GLU A 119 14.21 -15.65 -0.14
C GLU A 119 14.81 -14.88 -1.31
N ILE A 120 15.68 -15.54 -2.08
CA ILE A 120 16.32 -14.88 -3.21
C ILE A 120 15.29 -14.60 -4.29
N PHE A 121 14.51 -15.62 -4.66
CA PHE A 121 13.28 -15.35 -5.39
C PHE A 121 12.56 -14.11 -4.96
N ASP A 122 12.16 -14.07 -3.68
CA ASP A 122 11.40 -12.95 -3.16
C ASP A 122 12.10 -11.64 -3.48
N MET A 123 13.44 -11.64 -3.45
CA MET A 123 14.22 -10.44 -3.69
C MET A 123 14.31 -10.14 -5.17
N LEU A 124 14.43 -11.19 -6.00
CA LEU A 124 14.54 -10.94 -7.44
C LEU A 124 13.21 -10.50 -8.00
N LEU A 125 12.11 -11.03 -7.46
CA LEU A 125 10.78 -10.59 -7.86
C LEU A 125 10.55 -9.13 -7.51
N ALA A 126 11.12 -8.66 -6.41
CA ALA A 126 10.86 -7.29 -6.00
C ALA A 126 11.68 -6.31 -6.83
N THR A 127 12.87 -6.72 -7.25
CA THR A 127 13.63 -5.89 -8.17
C THR A 127 12.90 -5.75 -9.50
N SER A 128 12.26 -6.82 -9.97
CA SER A 128 11.56 -6.77 -11.25
C SER A 128 10.29 -5.92 -11.11
N SER A 129 9.63 -5.99 -9.95
CA SER A 129 8.56 -5.05 -9.65
C SER A 129 9.06 -3.60 -9.68
N ARG A 130 10.23 -3.36 -9.06
CA ARG A 130 10.75 -1.99 -9.02
C ARG A 130 11.03 -1.48 -10.42
N PHE A 131 11.74 -2.27 -11.22
CA PHE A 131 12.10 -1.86 -12.57
C PHE A 131 10.86 -1.59 -13.41
N ARG A 132 9.83 -2.40 -13.22
CA ARG A 132 8.58 -2.19 -13.94
C ARG A 132 7.93 -0.88 -13.53
N MET A 133 8.04 -0.51 -12.26
CA MET A 133 7.37 0.68 -11.76
C MET A 133 8.11 1.94 -12.13
N MET A 134 9.42 1.86 -12.30
CA MET A 134 10.19 2.95 -12.86
C MET A 134 10.12 2.92 -14.37
N ASN A 135 9.50 1.86 -15.00
CA ASN A 135 9.44 1.82 -16.47
C ASN A 135 10.83 2.09 -17.07
N LEU A 136 11.70 1.24 -16.49
CA LEU A 136 13.06 1.02 -16.93
C LEU A 136 13.08 0.72 -18.41
N GLN A 137 13.80 1.56 -19.13
CA GLN A 137 13.93 1.44 -20.56
C GLN A 137 15.06 0.48 -20.92
N GLY A 138 14.92 -0.22 -22.05
CA GLY A 138 15.99 -1.09 -22.50
C GLY A 138 17.34 -0.41 -22.55
N GLU A 139 17.40 0.79 -23.15
CA GLU A 139 18.66 1.50 -23.25
C GLU A 139 19.25 1.77 -21.87
N GLU A 140 18.41 1.97 -20.86
CA GLU A 140 18.91 2.13 -19.50
C GLU A 140 19.45 0.82 -18.94
N PHE A 141 18.78 -0.30 -19.23
CA PHE A 141 19.24 -1.59 -18.76
C PHE A 141 20.66 -1.89 -19.25
N VAL A 142 20.97 -1.61 -20.53
CA VAL A 142 22.30 -2.00 -21.00
C VAL A 142 23.37 -1.13 -20.34
N CYS A 143 23.08 0.13 -20.08
CA CYS A 143 24.03 0.96 -19.34
C CYS A 143 24.26 0.40 -17.94
N LEU A 144 23.18 0.04 -17.25
CA LEU A 144 23.32 -0.43 -15.87
C LEU A 144 24.13 -1.70 -15.79
N LYS A 145 23.87 -2.66 -16.69
CA LYS A 145 24.58 -3.91 -16.64
C LYS A 145 26.06 -3.71 -16.94
N SER A 146 26.41 -2.74 -17.78
CA SER A 146 27.80 -2.38 -18.00
C SER A 146 28.44 -1.75 -16.76
N ILE A 147 27.69 -0.90 -16.06
CA ILE A 147 28.22 -0.33 -14.82
C ILE A 147 28.58 -1.44 -13.83
N ILE A 148 27.75 -2.48 -13.74
CA ILE A 148 28.02 -3.58 -12.81
C ILE A 148 29.37 -4.26 -13.16
N LEU A 149 29.56 -4.55 -14.44
CA LEU A 149 30.80 -5.18 -14.87
C LEU A 149 32.01 -4.38 -14.43
N LEU A 150 32.03 -3.08 -14.70
CA LEU A 150 33.21 -2.30 -14.39
C LEU A 150 33.25 -1.84 -12.93
N ASN A 151 32.10 -1.71 -12.25
CA ASN A 151 32.10 -1.20 -10.88
C ASN A 151 32.37 -2.28 -9.84
N SER A 152 31.72 -3.45 -9.97
CA SER A 152 31.67 -4.36 -8.82
C SER A 152 33.07 -4.69 -8.32
N GLY A 153 34.01 -4.85 -9.23
CA GLY A 153 35.35 -5.31 -8.89
C GLY A 153 36.43 -4.24 -8.85
N VAL A 154 36.07 -2.98 -9.09
CA VAL A 154 37.10 -1.96 -9.27
C VAL A 154 37.77 -1.65 -7.95
N TYR A 155 37.00 -1.60 -6.85
CA TYR A 155 37.50 -1.19 -5.55
C TYR A 155 38.50 -2.18 -5.00
N THR A 156 38.72 -3.32 -5.65
CA THR A 156 39.71 -4.27 -5.19
C THR A 156 40.82 -4.47 -6.22
N PHE A 157 41.47 -3.38 -6.62
CA PHE A 157 42.63 -3.42 -7.52
C PHE A 157 43.83 -2.82 -6.79
N LEU A 158 44.94 -2.66 -7.53
CA LEU A 158 46.15 -2.01 -7.02
C LEU A 158 46.58 -2.56 -5.68
N THR A 161 50.65 0.99 -7.03
CA THR A 161 51.48 0.82 -8.23
C THR A 161 50.87 1.40 -9.52
N LEU A 162 51.77 1.96 -10.33
CA LEU A 162 51.39 2.92 -11.36
C LEU A 162 50.42 2.31 -12.36
N LYS A 163 50.79 1.19 -12.96
CA LYS A 163 49.91 0.54 -13.93
C LYS A 163 48.52 0.33 -13.34
N SER A 164 48.42 0.04 -12.04
CA SER A 164 47.13 -0.22 -11.42
C SER A 164 46.28 1.03 -11.27
N LEU A 165 46.83 2.05 -10.59
CA LEU A 165 46.28 3.42 -10.62
C LEU A 165 45.91 3.85 -12.09
N GLU A 166 46.74 3.59 -13.14
CA GLU A 166 46.27 3.94 -14.50
C GLU A 166 44.95 3.22 -14.87
N GLU A 167 44.86 1.93 -14.60
CA GLU A 167 43.66 1.21 -15.02
C GLU A 167 42.43 1.56 -14.18
N LYS A 168 42.61 1.75 -12.87
CA LYS A 168 41.48 2.17 -12.05
C LYS A 168 40.96 3.51 -12.53
N ASP A 169 41.86 4.41 -12.95
CA ASP A 169 41.44 5.69 -13.49
C ASP A 169 40.75 5.50 -14.83
N HIS A 170 41.27 4.59 -15.65
CA HIS A 170 40.61 4.27 -16.92
C HIS A 170 39.23 3.70 -16.69
N ILE A 171 39.06 2.86 -15.66
CA ILE A 171 37.76 2.27 -15.37
C ILE A 171 36.77 3.35 -14.94
N HIS A 172 37.22 4.25 -14.07
CA HIS A 172 36.31 5.30 -13.59
C HIS A 172 35.97 6.29 -14.68
N ARG A 173 36.86 6.50 -15.66
CA ARG A 173 36.53 7.41 -16.76
C ARG A 173 35.54 6.77 -17.72
N VAL A 174 35.54 5.45 -17.84
CA VAL A 174 34.49 4.81 -18.63
C VAL A 174 33.16 4.87 -17.87
N LEU A 175 33.21 4.65 -16.55
CA LEU A 175 31.99 4.75 -15.75
C LEU A 175 31.40 6.15 -15.86
N ASP A 176 32.25 7.18 -15.76
CA ASP A 176 31.78 8.55 -15.98
C ASP A 176 31.09 8.66 -17.34
N LYS A 177 31.63 7.98 -18.35
CA LYS A 177 31.06 8.09 -19.69
C LYS A 177 29.74 7.33 -19.80
N ILE A 178 29.51 6.33 -18.96
CA ILE A 178 28.21 5.67 -18.98
C ILE A 178 27.19 6.46 -18.16
N THR A 179 27.64 7.13 -17.10
CA THR A 179 26.78 8.10 -16.42
C THR A 179 26.30 9.17 -17.40
N ASP A 180 27.24 9.81 -18.13
CA ASP A 180 26.87 10.81 -19.12
C ASP A 180 25.82 10.26 -20.09
N THR A 181 26.01 9.00 -20.50
CA THR A 181 25.07 8.38 -21.44
C THR A 181 23.69 8.23 -20.83
N LEU A 182 23.61 7.65 -19.63
CA LEU A 182 22.31 7.48 -18.98
C LEU A 182 21.58 8.81 -18.91
N ILE A 183 22.25 9.85 -18.41
CA ILE A 183 21.66 11.18 -18.36
C ILE A 183 21.22 11.64 -19.75
N HIS A 184 22.05 11.45 -20.79
CA HIS A 184 21.68 11.88 -22.13
C HIS A 184 20.37 11.24 -22.56
N LEU A 185 20.19 9.94 -22.24
CA LEU A 185 18.94 9.24 -22.51
C LEU A 185 17.78 9.88 -21.78
N MET A 186 17.97 10.19 -20.50
CA MET A 186 16.91 10.82 -19.74
C MET A 186 16.54 12.20 -20.26
N ALA A 187 17.51 12.95 -20.77
CA ALA A 187 17.20 14.29 -21.25
C ALA A 187 16.38 14.25 -22.54
N LYS A 188 16.75 13.38 -23.48
CA LYS A 188 16.01 13.29 -24.73
C LYS A 188 14.63 12.70 -24.54
N ALA A 189 14.45 11.84 -23.53
CA ALA A 189 13.11 11.43 -23.15
C ALA A 189 12.29 12.57 -22.56
N GLY A 190 12.93 13.71 -22.29
CA GLY A 190 12.23 14.90 -21.83
C GLY A 190 12.29 15.18 -20.34
N LEU A 191 13.04 14.41 -19.56
CA LEU A 191 13.11 14.63 -18.12
C LEU A 191 13.74 15.99 -17.78
N THR A 192 13.11 16.73 -16.87
CA THR A 192 13.77 17.90 -16.30
C THR A 192 15.08 17.47 -15.65
N LEU A 193 15.98 18.44 -15.44
CA LEU A 193 17.25 18.08 -14.83
C LEU A 193 17.05 17.50 -13.44
N GLN A 194 16.11 18.06 -12.68
CA GLN A 194 15.82 17.50 -11.37
C GLN A 194 15.45 16.04 -11.50
N GLN A 195 14.63 15.71 -12.51
CA GLN A 195 14.21 14.34 -12.68
C GLN A 195 15.35 13.47 -13.17
N GLN A 196 16.23 14.04 -14.00
CA GLN A 196 17.35 13.29 -14.54
C GLN A 196 18.23 12.75 -13.43
N HIS A 197 18.46 13.59 -12.40
CA HIS A 197 19.34 13.26 -11.30
C HIS A 197 18.68 12.31 -10.34
N GLN A 198 17.38 12.53 -10.08
CA GLN A 198 16.64 11.67 -9.18
C GLN A 198 16.52 10.26 -9.73
N ARG A 199 16.27 10.12 -11.04
CA ARG A 199 16.20 8.79 -11.67
C ARG A 199 17.58 8.13 -11.71
N LEU A 200 18.61 8.87 -12.10
CA LEU A 200 19.94 8.27 -12.08
C LEU A 200 20.22 7.69 -10.69
N ALA A 201 19.97 8.46 -9.65
CA ALA A 201 20.19 7.96 -8.30
C ALA A 201 19.36 6.71 -8.04
N GLN A 202 18.07 6.76 -8.42
CA GLN A 202 17.17 5.64 -8.19
C GLN A 202 17.73 4.37 -8.80
N LEU A 203 18.25 4.48 -10.03
CA LEU A 203 18.79 3.33 -10.72
C LEU A 203 20.05 2.82 -10.04
N LEU A 204 20.94 3.73 -9.65
CA LEU A 204 22.21 3.28 -9.10
C LEU A 204 22.04 2.70 -7.70
N LEU A 205 21.02 3.16 -6.94
CA LEU A 205 20.78 2.56 -5.64
C LEU A 205 20.19 1.16 -5.78
N ILE A 206 19.43 0.87 -6.85
CA ILE A 206 19.00 -0.51 -7.07
C ILE A 206 20.20 -1.43 -7.21
N LEU A 207 21.28 -0.97 -7.84
CA LEU A 207 22.47 -1.81 -7.99
C LEU A 207 22.99 -2.32 -6.65
N SER A 208 22.85 -1.52 -5.57
CA SER A 208 23.28 -2.00 -4.27
C SER A 208 22.44 -3.19 -3.83
N HIS A 209 21.14 -3.19 -4.17
CA HIS A 209 20.31 -4.35 -3.86
C HIS A 209 20.77 -5.57 -4.68
N ILE A 210 21.01 -5.36 -5.97
CA ILE A 210 21.47 -6.46 -6.81
C ILE A 210 22.72 -7.07 -6.21
N ARG A 211 23.61 -6.23 -5.66
CA ARG A 211 24.84 -6.71 -5.04
C ARG A 211 24.53 -7.55 -3.80
N HIS A 212 23.57 -7.10 -3.01
CA HIS A 212 23.13 -7.90 -1.87
C HIS A 212 22.67 -9.27 -2.35
N MET A 213 21.76 -9.31 -3.32
CA MET A 213 21.23 -10.58 -3.81
C MET A 213 22.36 -11.47 -4.30
N SER A 214 23.29 -10.92 -5.07
CA SER A 214 24.46 -11.70 -5.46
C SER A 214 25.19 -12.28 -4.24
N ASN A 215 25.42 -11.46 -3.20
CA ASN A 215 26.15 -11.98 -2.04
C ASN A 215 25.44 -13.18 -1.39
N LYS A 216 24.10 -12.94 -0.99
CA LYS A 216 23.10 -14.02 -0.72
C LYS A 216 23.26 -15.30 -1.59
N GLY A 217 23.18 -15.18 -2.92
CA GLY A 217 23.26 -16.28 -3.80
C GLY A 217 24.58 -16.96 -3.75
N MET A 218 25.66 -16.22 -3.46
CA MET A 218 27.01 -16.73 -3.64
C MET A 218 27.40 -17.62 -2.47
N GLU A 219 27.03 -17.21 -1.26
CA GLU A 219 26.97 -18.12 -0.15
C GLU A 219 26.47 -19.48 -0.47
N HIS A 220 25.29 -19.52 -1.06
CA HIS A 220 24.64 -20.75 -1.45
C HIS A 220 25.49 -21.56 -2.41
N LEU A 221 26.03 -20.92 -3.44
CA LEU A 221 26.82 -21.64 -4.43
C LEU A 221 28.07 -22.22 -3.81
N TYR A 222 28.73 -21.47 -2.91
CA TYR A 222 29.88 -22.01 -2.20
C TYR A 222 29.46 -22.94 -1.07
N SER A 223 28.31 -22.69 -0.43
CA SER A 223 27.95 -23.42 0.77
C SER A 223 26.46 -23.77 0.80
N MET A 224 26.16 -24.89 1.48
CA MET A 224 24.78 -25.33 1.62
C MET A 224 24.16 -25.64 0.25
N LYS A 227 30.19 -24.70 -4.98
CA LYS A 227 31.48 -24.02 -5.10
C LYS A 227 32.11 -24.30 -6.47
N ASN A 228 32.01 -25.57 -6.91
CA ASN A 228 32.48 -25.95 -8.24
C ASN A 228 31.64 -25.30 -9.35
N VAL A 229 30.35 -25.04 -9.08
CA VAL A 229 29.54 -24.15 -9.93
C VAL A 229 30.19 -22.79 -10.22
N VAL A 230 30.94 -22.21 -9.29
CA VAL A 230 31.47 -20.85 -9.53
C VAL A 230 32.58 -20.93 -10.57
N PRO A 231 32.53 -20.15 -11.65
CA PRO A 231 33.59 -20.23 -12.67
C PRO A 231 34.93 -19.80 -12.10
N SER A 232 35.94 -20.64 -12.29
CA SER A 232 37.26 -20.36 -11.77
C SER A 232 37.94 -19.22 -12.54
N TYR A 233 39.09 -18.81 -12.02
CA TYR A 233 39.89 -17.79 -12.70
C TYR A 233 40.40 -18.33 -14.02
N ASP A 234 40.90 -19.56 -14.02
CA ASP A 234 41.39 -20.17 -15.26
C ASP A 234 40.29 -20.30 -16.30
N LEU A 235 39.11 -20.77 -15.89
CA LEU A 235 38.00 -20.89 -16.85
C LEU A 235 37.69 -19.55 -17.50
N LEU A 236 37.48 -18.51 -16.70
CA LEU A 236 37.18 -17.20 -17.27
C LEU A 236 38.34 -16.78 -18.13
N LEU A 237 39.54 -17.19 -17.72
CA LEU A 237 40.73 -16.62 -18.34
C LEU A 237 40.55 -16.86 -19.77
N GLU A 238 40.30 -18.16 -19.95
CA GLU A 238 40.59 -18.81 -21.18
C GLU A 238 39.46 -18.59 -22.14
N MET A 239 38.23 -18.56 -21.65
CA MET A 239 37.15 -18.04 -22.47
C MET A 239 37.50 -16.66 -23.00
N LEU A 240 38.22 -15.83 -22.22
CA LEU A 240 38.63 -14.51 -22.71
C LEU A 240 39.68 -14.60 -23.82
N ASP A 241 40.67 -15.48 -23.69
CA ASP A 241 41.68 -15.61 -24.73
C ASP A 241 41.15 -16.29 -25.99
N ALA A 242 40.00 -16.90 -25.92
CA ALA A 242 39.49 -17.43 -27.13
C ALA A 242 38.88 -16.21 -27.71
N HIS A 243 39.66 -15.42 -28.47
CA HIS A 243 39.31 -14.05 -28.85
C HIS A 243 38.31 -13.86 -30.00
N SER B 1 4.65 16.07 4.22
CA SER B 1 5.71 15.54 5.07
C SER B 1 6.72 16.61 5.41
N LEU B 2 7.11 16.68 6.68
CA LEU B 2 8.03 17.73 7.11
C LEU B 2 9.39 17.59 6.45
N ALA B 3 9.82 16.35 6.22
CA ALA B 3 11.09 16.15 5.52
C ALA B 3 11.05 16.74 4.12
N LEU B 4 9.89 16.69 3.47
CA LEU B 4 9.77 16.94 2.04
C LEU B 4 9.70 18.40 1.69
N SER B 5 9.53 19.27 2.67
CA SER B 5 9.56 20.70 2.43
C SER B 5 10.92 21.32 2.76
N LEU B 6 11.91 20.52 3.15
CA LEU B 6 13.21 21.08 3.47
C LEU B 6 13.97 21.49 2.21
N THR B 7 14.74 22.56 2.32
CA THR B 7 15.73 22.87 1.31
C THR B 7 16.95 21.99 1.50
N ALA B 8 17.87 22.07 0.55
CA ALA B 8 19.11 21.31 0.69
C ALA B 8 19.86 21.73 1.96
N ASP B 9 20.12 23.03 2.11
CA ASP B 9 20.90 23.47 3.26
C ASP B 9 20.22 23.13 4.59
N GLN B 10 18.90 23.12 4.64
CA GLN B 10 18.22 22.71 5.87
C GLN B 10 18.37 21.22 6.12
N MET B 11 18.28 20.41 5.06
CA MET B 11 18.53 19.00 5.19
C MET B 11 19.96 18.76 5.69
N VAL B 12 20.91 19.43 5.07
CA VAL B 12 22.30 19.21 5.47
C VAL B 12 22.47 19.63 6.92
N SER B 13 21.80 20.73 7.33
CA SER B 13 21.95 21.19 8.71
C SER B 13 21.37 20.18 9.69
N ALA B 14 20.21 19.59 9.35
CA ALA B 14 19.63 18.58 10.22
C ALA B 14 20.57 17.40 10.40
N LEU B 15 21.12 16.91 9.30
CA LEU B 15 22.00 15.74 9.41
C LEU B 15 23.23 16.06 10.24
N LEU B 16 23.88 17.21 9.94
CA LEU B 16 25.10 17.60 10.64
C LEU B 16 24.86 17.67 12.13
N ASP B 17 23.78 18.32 12.54
CA ASP B 17 23.47 18.46 13.95
C ASP B 17 23.09 17.12 14.59
N ALA B 18 22.73 16.12 13.80
CA ALA B 18 22.40 14.82 14.34
C ALA B 18 23.60 13.86 14.41
N GLU B 19 24.76 14.26 13.88
CA GLU B 19 25.92 13.38 13.82
C GLU B 19 26.24 12.84 15.21
N PRO B 20 26.48 11.54 15.35
CA PRO B 20 26.85 10.98 16.66
C PRO B 20 28.28 11.35 17.00
N PRO B 21 28.64 11.33 18.29
CA PRO B 21 30.01 11.67 18.67
C PRO B 21 30.98 10.55 18.31
N ILE B 22 32.24 10.91 18.15
CA ILE B 22 33.30 9.92 17.95
C ILE B 22 33.60 9.30 19.31
N LEU B 23 33.35 8.01 19.44
CA LEU B 23 33.55 7.31 20.69
C LEU B 23 34.96 6.74 20.79
N TYR B 24 35.30 6.36 22.02
CA TYR B 24 36.63 5.84 22.38
C TYR B 24 36.52 4.38 22.74
N SER B 25 37.53 3.61 22.33
CA SER B 25 37.69 2.26 22.86
C SER B 25 38.10 2.38 24.33
N GLU B 26 37.64 1.43 25.13
CA GLU B 26 37.93 1.48 26.55
C GLU B 26 39.25 0.79 26.91
N TYR B 27 40.14 0.57 25.95
CA TYR B 27 41.45 -0.01 26.23
C TYR B 27 42.21 -0.27 24.93
N SER B 37 41.79 -7.94 24.08
CA SER B 37 41.53 -8.45 22.74
C SER B 37 40.66 -7.56 21.89
N MET B 38 41.22 -7.14 20.77
CA MET B 38 40.49 -6.37 19.77
C MET B 38 39.05 -6.79 19.54
N MET B 39 38.77 -8.07 19.31
CA MET B 39 37.39 -8.45 19.07
C MET B 39 36.49 -7.99 20.21
N GLY B 40 36.96 -8.14 21.45
CA GLY B 40 36.23 -7.55 22.56
C GLY B 40 36.17 -6.04 22.49
N LEU B 41 37.28 -5.40 22.09
CA LEU B 41 37.34 -3.94 22.00
C LEU B 41 36.42 -3.43 20.90
N LEU B 42 36.40 -4.10 19.76
CA LEU B 42 35.49 -3.70 18.70
C LEU B 42 34.04 -4.02 19.08
N THR B 43 33.80 -5.19 19.66
CA THR B 43 32.43 -5.51 20.06
C THR B 43 31.89 -4.49 21.06
N ASN B 44 32.67 -4.20 22.09
CA ASN B 44 32.24 -3.18 23.04
C ASN B 44 32.01 -1.84 22.36
N LEU B 45 32.92 -1.44 21.47
CA LEU B 45 32.81 -0.14 20.79
C LEU B 45 31.56 -0.09 19.91
N ALA B 46 31.27 -1.18 19.18
CA ALA B 46 30.11 -1.18 18.29
C ALA B 46 28.82 -1.16 19.08
N ASP B 47 28.78 -1.87 20.21
CA ASP B 47 27.60 -1.87 21.06
C ASP B 47 27.30 -0.47 21.58
N ARG B 48 28.33 0.29 21.95
CA ARG B 48 28.05 1.65 22.41
C ARG B 48 27.73 2.53 21.21
N GLU B 49 28.32 2.26 20.06
CA GLU B 49 27.96 3.02 18.87
C GLU B 49 26.51 2.80 18.47
N LEU B 50 25.96 1.61 18.74
CA LEU B 50 24.61 1.30 18.28
C LEU B 50 23.58 2.19 18.96
N VAL B 51 23.81 2.52 20.23
CA VAL B 51 22.86 3.34 20.95
C VAL B 51 22.79 4.74 20.36
N HIS B 52 23.91 5.26 19.88
CA HIS B 52 23.89 6.56 19.23
C HIS B 52 23.30 6.47 17.82
N MET B 53 23.53 5.37 17.12
CA MET B 53 22.96 5.21 15.78
C MET B 53 21.44 5.26 15.83
N ILE B 54 20.84 4.62 16.84
CA ILE B 54 19.38 4.66 16.97
C ILE B 54 18.92 6.09 17.04
N ASN B 55 19.53 6.87 17.94
CA ASN B 55 19.05 8.22 18.17
C ASN B 55 19.37 9.13 17.00
N TRP B 56 20.44 8.85 16.27
CA TRP B 56 20.66 9.60 15.05
C TRP B 56 19.58 9.28 14.02
N ALA B 57 19.28 7.98 13.86
CA ALA B 57 18.29 7.59 12.88
C ALA B 57 16.96 8.28 13.13
N LYS B 58 16.53 8.37 14.40
CA LYS B 58 15.30 9.09 14.73
C LYS B 58 15.35 10.55 14.31
N ARG B 59 16.54 11.08 14.05
CA ARG B 59 16.71 12.47 13.64
C ARG B 59 16.97 12.62 12.14
N VAL B 60 17.01 11.54 11.37
CA VAL B 60 17.06 11.65 9.91
C VAL B 60 15.70 12.14 9.41
N PRO B 61 15.63 13.20 8.62
CA PRO B 61 14.32 13.73 8.24
C PRO B 61 13.52 12.69 7.47
N GLY B 62 12.27 12.49 7.89
CA GLY B 62 11.38 11.51 7.30
C GLY B 62 11.37 10.15 7.97
N PHE B 63 12.40 9.82 8.75
CA PHE B 63 12.51 8.46 9.27
C PHE B 63 11.44 8.16 10.31
N VAL B 64 11.07 9.14 11.14
CA VAL B 64 10.08 8.86 12.18
C VAL B 64 8.65 8.96 11.68
N ASP B 65 8.44 9.43 10.45
CA ASP B 65 7.12 9.32 9.85
C ASP B 65 6.76 7.86 9.59
N LEU B 66 7.76 7.00 9.42
CA LEU B 66 7.54 5.58 9.16
C LEU B 66 7.01 4.88 10.41
N THR B 67 6.32 3.76 10.20
CA THR B 67 5.91 2.95 11.34
C THR B 67 7.13 2.40 12.07
N SER B 68 6.95 2.11 13.37
CA SER B 68 8.05 1.52 14.15
C SER B 68 8.57 0.24 13.51
N HIS B 69 7.67 -0.60 12.98
CA HIS B 69 8.14 -1.83 12.37
C HIS B 69 9.04 -1.52 11.18
N ASP B 70 8.62 -0.59 10.33
CA ASP B 70 9.44 -0.23 9.18
C ASP B 70 10.75 0.42 9.59
N GLN B 71 10.76 1.16 10.69
CA GLN B 71 12.00 1.74 11.18
C GLN B 71 13.00 0.65 11.57
N VAL B 72 12.52 -0.39 12.25
CA VAL B 72 13.41 -1.47 12.65
C VAL B 72 13.93 -2.21 11.44
N HIS B 73 13.07 -2.50 10.47
CA HIS B 73 13.53 -3.21 9.29
C HIS B 73 14.69 -2.47 8.63
N LEU B 74 14.57 -1.14 8.50
CA LEU B 74 15.64 -0.39 7.85
C LEU B 74 16.91 -0.43 8.68
N LEU B 75 16.78 -0.38 9.99
CA LEU B 75 17.98 -0.38 10.81
C LEU B 75 18.60 -1.76 10.86
N GLU B 76 17.77 -2.80 10.86
CA GLU B 76 18.27 -4.17 10.76
C GLU B 76 19.20 -4.34 9.57
N CYS B 77 18.74 -3.88 8.41
CA CYS B 77 19.47 -4.06 7.15
C CYS B 77 20.69 -3.15 7.03
N ALA B 78 20.67 -2.00 7.68
CA ALA B 78 21.68 -0.98 7.46
C ALA B 78 22.76 -0.93 8.53
N TRP B 79 22.59 -1.62 9.66
CA TRP B 79 23.36 -1.25 10.85
C TRP B 79 24.87 -1.39 10.61
N LEU B 80 25.31 -2.47 9.98
CA LEU B 80 26.74 -2.62 9.77
C LEU B 80 27.27 -1.73 8.63
N GLU B 81 26.53 -1.57 7.55
CA GLU B 81 26.96 -0.60 6.55
C GLU B 81 27.19 0.78 7.17
N ILE B 82 26.41 1.13 8.19
CA ILE B 82 26.48 2.46 8.77
C ILE B 82 27.68 2.59 9.67
N LEU B 83 27.91 1.58 10.51
CA LEU B 83 29.17 1.49 11.27
C LEU B 83 30.38 1.54 10.34
N MET B 84 30.31 0.85 9.21
CA MET B 84 31.44 0.79 8.30
C MET B 84 31.70 2.12 7.62
N ILE B 85 30.65 2.82 7.20
CA ILE B 85 30.95 4.07 6.50
C ILE B 85 31.45 5.08 7.53
N GLY B 86 30.97 5.00 8.77
CA GLY B 86 31.53 5.85 9.80
C GLY B 86 33.02 5.61 9.99
N LEU B 87 33.42 4.33 9.93
CA LEU B 87 34.82 3.94 10.13
C LEU B 87 35.71 4.44 9.01
N VAL B 88 35.27 4.24 7.77
CA VAL B 88 36.08 4.69 6.65
C VAL B 88 36.18 6.22 6.62
N TRP B 89 35.16 6.92 7.15
CA TRP B 89 35.22 8.38 7.23
C TRP B 89 36.21 8.83 8.28
N ARG B 90 36.25 8.16 9.44
CA ARG B 90 37.21 8.50 10.47
C ARG B 90 38.64 8.21 10.02
N SER B 91 38.83 7.20 9.17
CA SER B 91 40.15 6.74 8.78
C SER B 91 40.69 7.46 7.56
N MET B 92 39.85 8.27 6.93
CA MET B 92 40.22 9.02 5.70
C MET B 92 41.56 9.66 5.76
N GLU B 93 41.83 10.49 6.77
CA GLU B 93 43.11 11.17 6.86
C GLU B 93 44.19 10.35 7.56
N HIS B 94 44.22 9.03 7.36
CA HIS B 94 45.25 8.15 7.94
C HIS B 94 45.55 7.03 6.96
N PRO B 95 46.21 7.35 5.86
CA PRO B 95 46.43 6.34 4.82
C PRO B 95 47.01 5.06 5.39
N GLY B 96 46.37 3.93 5.05
CA GLY B 96 46.91 2.65 5.46
C GLY B 96 46.49 2.18 6.83
N LYS B 97 45.75 2.98 7.58
CA LYS B 97 45.34 2.62 8.93
C LYS B 97 43.84 2.82 9.03
N LEU B 98 43.22 2.07 9.94
CA LEU B 98 41.80 2.17 10.22
C LEU B 98 41.61 2.77 11.60
N LEU B 99 40.94 3.91 11.65
CA LEU B 99 40.75 4.64 12.90
C LEU B 99 39.44 4.19 13.54
N PHE B 100 39.50 3.00 14.15
CA PHE B 100 38.34 2.47 14.85
C PHE B 100 37.88 3.42 15.95
N ALA B 101 38.82 3.87 16.78
CA ALA B 101 38.63 4.98 17.70
C ALA B 101 39.92 5.77 17.78
N PRO B 102 39.90 6.97 18.35
CA PRO B 102 41.17 7.71 18.50
C PRO B 102 42.25 6.92 19.23
N ASN B 103 41.87 6.08 20.19
CA ASN B 103 42.81 5.25 20.94
C ASN B 103 42.83 3.82 20.42
N LEU B 104 42.43 3.60 19.16
CA LEU B 104 42.42 2.28 18.56
C LEU B 104 42.56 2.51 17.06
N LEU B 105 43.78 2.82 16.65
CA LEU B 105 44.13 3.07 15.25
C LEU B 105 44.96 1.87 14.78
N LEU B 106 44.36 1.02 13.95
CA LEU B 106 44.99 -0.22 13.54
C LEU B 106 45.37 -0.20 12.06
N ASP B 107 46.41 -0.95 11.75
CA ASP B 107 46.85 -1.11 10.37
C ASP B 107 46.72 -2.58 9.96
N ARG B 108 47.12 -2.82 8.71
CA ARG B 108 46.83 -4.08 8.05
C ARG B 108 47.34 -5.29 8.82
N ASN B 109 48.63 -5.30 9.09
CA ASN B 109 49.27 -6.42 9.77
C ASN B 109 48.62 -6.65 11.14
N GLN B 110 48.56 -5.58 11.92
CA GLN B 110 47.94 -5.61 13.24
C GLN B 110 46.46 -5.91 13.12
N GLY B 111 45.80 -5.37 12.11
CA GLY B 111 44.37 -5.60 11.97
C GLY B 111 44.04 -7.05 11.72
N LYS B 112 44.91 -7.75 11.00
CA LYS B 112 44.69 -9.15 10.70
C LYS B 112 46.00 -9.85 10.39
N MET B 117 39.43 -11.86 7.86
CA MET B 117 39.47 -10.59 8.58
C MET B 117 40.46 -9.60 7.93
N VAL B 118 41.49 -10.13 7.27
CA VAL B 118 42.36 -9.24 6.50
C VAL B 118 41.68 -8.80 5.21
N GLU B 119 40.84 -9.66 4.63
CA GLU B 119 40.09 -9.28 3.43
C GLU B 119 39.18 -8.09 3.72
N ILE B 120 38.34 -8.20 4.76
CA ILE B 120 37.51 -7.08 5.19
C ILE B 120 38.36 -5.82 5.39
N PHE B 121 39.50 -6.00 6.07
CA PHE B 121 40.37 -4.87 6.42
C PHE B 121 40.82 -4.11 5.17
N ASP B 122 41.30 -4.85 4.16
CA ASP B 122 41.76 -4.25 2.93
C ASP B 122 40.64 -3.49 2.23
N MET B 123 39.46 -4.11 2.13
CA MET B 123 38.36 -3.47 1.44
C MET B 123 38.00 -2.15 2.13
N LEU B 124 38.05 -2.13 3.45
CA LEU B 124 37.80 -0.87 4.17
C LEU B 124 38.87 0.17 3.86
N LEU B 125 40.13 -0.23 3.80
CA LEU B 125 41.20 0.69 3.44
C LEU B 125 41.02 1.23 2.03
N ALA B 126 40.55 0.38 1.09
CA ALA B 126 40.33 0.85 -0.28
C ALA B 126 39.15 1.80 -0.34
N THR B 127 38.13 1.58 0.48
CA THR B 127 37.04 2.54 0.54
C THR B 127 37.55 3.89 1.04
N SER B 128 38.26 3.90 2.17
CA SER B 128 38.77 5.16 2.71
C SER B 128 39.62 5.90 1.68
N SER B 129 40.58 5.21 1.07
CA SER B 129 41.39 5.80 0.02
C SER B 129 40.54 6.39 -1.11
N ARG B 130 39.51 5.67 -1.56
CA ARG B 130 38.63 6.22 -2.59
C ARG B 130 37.96 7.51 -2.12
N PHE B 131 37.57 7.56 -0.84
CA PHE B 131 37.00 8.80 -0.32
C PHE B 131 38.03 9.90 -0.25
N ARG B 132 39.32 9.56 -0.02
CA ARG B 132 40.39 10.56 -0.03
C ARG B 132 40.69 11.09 -1.45
N MET B 133 41.11 10.19 -2.43
CA MET B 133 40.94 10.43 -3.91
C MET B 133 39.82 11.47 -4.21
N MET B 134 38.59 11.22 -3.78
CA MET B 134 37.50 12.11 -4.22
C MET B 134 37.33 13.37 -3.36
N ASN B 135 38.10 13.55 -2.30
CA ASN B 135 37.95 14.75 -1.47
C ASN B 135 36.54 14.82 -0.87
N LEU B 136 36.02 13.65 -0.47
CA LEU B 136 34.69 13.56 0.10
C LEU B 136 34.53 14.54 1.26
N GLN B 137 33.47 15.36 1.21
CA GLN B 137 33.22 16.39 2.20
C GLN B 137 32.26 15.89 3.25
N GLY B 138 32.35 16.46 4.46
CA GLY B 138 31.52 16.00 5.56
C GLY B 138 30.03 16.14 5.30
N GLU B 139 29.63 17.22 4.63
CA GLU B 139 28.24 17.41 4.20
C GLU B 139 27.78 16.30 3.26
N GLU B 140 28.68 15.79 2.44
CA GLU B 140 28.32 14.70 1.56
C GLU B 140 28.19 13.39 2.34
N PHE B 141 29.06 13.19 3.34
CA PHE B 141 29.11 11.93 4.09
C PHE B 141 27.82 11.69 4.83
N VAL B 142 27.34 12.70 5.55
CA VAL B 142 26.09 12.54 6.29
C VAL B 142 24.94 12.23 5.36
N CYS B 143 24.95 12.81 4.15
CA CYS B 143 23.92 12.48 3.17
C CYS B 143 24.02 11.01 2.78
N LEU B 144 25.24 10.53 2.50
CA LEU B 144 25.45 9.14 2.11
C LEU B 144 24.98 8.19 3.19
N LYS B 145 25.27 8.52 4.44
CA LYS B 145 24.86 7.64 5.54
C LYS B 145 23.35 7.70 5.75
N SER B 146 22.73 8.79 5.39
CA SER B 146 21.27 8.77 5.37
C SER B 146 20.74 7.89 4.26
N ILE B 147 21.32 7.97 3.05
CA ILE B 147 20.89 7.12 1.97
C ILE B 147 21.01 5.64 2.36
N ILE B 148 22.07 5.27 3.08
CA ILE B 148 22.20 3.86 3.44
C ILE B 148 21.05 3.44 4.34
N LEU B 149 20.74 4.28 5.32
CA LEU B 149 19.67 3.95 6.23
C LEU B 149 18.38 3.71 5.50
N LEU B 150 18.07 4.54 4.48
CA LEU B 150 16.74 4.48 3.89
C LEU B 150 16.72 3.52 2.71
N ASN B 151 17.85 3.30 2.09
CA ASN B 151 17.82 2.46 0.91
C ASN B 151 17.99 1.00 1.21
N SER B 152 18.78 0.66 2.24
CA SER B 152 19.32 -0.70 2.30
C SER B 152 18.20 -1.70 2.50
N GLY B 153 17.22 -1.35 3.31
CA GLY B 153 16.13 -2.25 3.58
C GLY B 153 14.87 -2.01 2.78
N VAL B 154 14.87 -1.06 1.85
CA VAL B 154 13.59 -0.63 1.27
C VAL B 154 13.03 -1.61 0.25
N TYR B 155 13.88 -2.48 -0.33
CA TYR B 155 13.45 -3.47 -1.31
C TYR B 155 13.06 -4.79 -0.65
N THR B 156 13.04 -4.87 0.69
CA THR B 156 12.72 -6.12 1.37
C THR B 156 11.62 -5.96 2.41
N PHE B 157 10.73 -4.96 2.26
CA PHE B 157 9.56 -4.94 3.16
C PHE B 157 8.70 -6.16 2.84
N SER B 160 2.12 -6.60 2.60
CA SER B 160 1.87 -6.42 1.17
C SER B 160 0.87 -5.30 0.98
N THR B 161 0.66 -4.51 2.02
CA THR B 161 -0.57 -3.75 2.17
C THR B 161 -0.45 -2.33 1.60
N LEU B 162 -1.56 -1.58 1.68
CA LEU B 162 -1.54 -0.21 1.21
C LEU B 162 -0.75 0.69 2.19
N LYS B 163 -0.63 0.32 3.46
CA LYS B 163 0.29 1.05 4.33
C LYS B 163 1.74 0.89 3.85
N SER B 164 2.15 -0.34 3.56
CA SER B 164 3.54 -0.55 3.15
C SER B 164 3.84 0.11 1.81
N LEU B 165 2.84 0.17 0.93
CA LEU B 165 3.01 0.90 -0.32
C LEU B 165 3.24 2.38 -0.06
N GLU B 166 2.50 2.95 0.89
CA GLU B 166 2.75 4.34 1.26
C GLU B 166 4.14 4.49 1.86
N GLU B 167 4.53 3.57 2.76
CA GLU B 167 5.83 3.69 3.42
C GLU B 167 6.95 3.68 2.40
N LYS B 168 6.89 2.71 1.46
CA LYS B 168 7.93 2.68 0.43
C LYS B 168 7.91 3.95 -0.38
N ASP B 169 6.71 4.45 -0.72
CA ASP B 169 6.66 5.67 -1.52
C ASP B 169 7.30 6.81 -0.75
N HIS B 170 7.05 6.90 0.56
CA HIS B 170 7.64 7.96 1.39
C HIS B 170 9.16 7.88 1.39
N ILE B 171 9.70 6.70 1.68
CA ILE B 171 11.15 6.52 1.67
C ILE B 171 11.75 7.00 0.36
N HIS B 172 11.14 6.63 -0.76
CA HIS B 172 11.72 7.01 -2.05
C HIS B 172 11.66 8.51 -2.31
N ARG B 173 10.64 9.20 -1.78
CA ARG B 173 10.62 10.64 -1.94
C ARG B 173 11.63 11.32 -1.02
N VAL B 174 11.89 10.77 0.15
CA VAL B 174 12.96 11.33 0.98
C VAL B 174 14.32 11.06 0.33
N LEU B 175 14.48 9.88 -0.25
CA LEU B 175 15.69 9.61 -1.00
C LEU B 175 15.87 10.60 -2.14
N ASP B 176 14.78 11.01 -2.78
CA ASP B 176 14.89 12.04 -3.81
C ASP B 176 15.35 13.35 -3.21
N LYS B 177 14.91 13.65 -1.99
CA LYS B 177 15.28 14.91 -1.35
C LYS B 177 16.76 14.91 -1.02
N ILE B 178 17.31 13.74 -0.69
CA ILE B 178 18.74 13.70 -0.40
C ILE B 178 19.55 13.79 -1.69
N THR B 179 19.09 13.14 -2.75
CA THR B 179 19.73 13.33 -4.04
C THR B 179 19.80 14.80 -4.40
N ASP B 180 18.66 15.50 -4.35
CA ASP B 180 18.65 16.94 -4.65
C ASP B 180 19.61 17.70 -3.76
N THR B 181 19.66 17.34 -2.47
CA THR B 181 20.60 17.96 -1.53
C THR B 181 22.03 17.77 -1.99
N LEU B 182 22.38 16.55 -2.39
CA LEU B 182 23.76 16.29 -2.82
C LEU B 182 24.12 17.14 -4.04
N ILE B 183 23.21 17.20 -5.02
CA ILE B 183 23.40 18.00 -6.22
C ILE B 183 23.59 19.46 -5.86
N HIS B 184 22.79 19.97 -4.92
CA HIS B 184 22.95 21.36 -4.52
C HIS B 184 24.34 21.62 -3.94
N LEU B 185 24.81 20.72 -3.06
CA LEU B 185 26.12 20.93 -2.45
C LEU B 185 27.21 20.99 -3.51
N MET B 186 27.12 20.15 -4.52
CA MET B 186 28.12 20.21 -5.55
C MET B 186 27.99 21.49 -6.36
N ALA B 187 26.76 21.87 -6.74
CA ALA B 187 26.60 23.08 -7.53
C ALA B 187 27.18 24.27 -6.79
N LYS B 188 27.02 24.28 -5.46
CA LYS B 188 27.54 25.37 -4.66
C LYS B 188 29.06 25.42 -4.73
N ALA B 189 29.71 24.24 -4.74
CA ALA B 189 31.16 24.18 -4.81
C ALA B 189 31.71 24.41 -6.21
N GLY B 190 30.87 24.85 -7.14
CA GLY B 190 31.33 25.23 -8.46
C GLY B 190 31.37 24.11 -9.49
N LEU B 191 31.04 22.88 -9.11
CA LEU B 191 31.06 21.80 -10.08
C LEU B 191 30.08 22.12 -11.21
N THR B 192 30.48 21.80 -12.44
CA THR B 192 29.57 21.94 -13.57
C THR B 192 28.46 20.89 -13.50
N LEU B 193 27.45 21.06 -14.34
CA LEU B 193 26.37 20.08 -14.33
C LEU B 193 26.88 18.71 -14.71
N GLN B 194 27.79 18.63 -15.68
CA GLN B 194 28.38 17.33 -16.01
C GLN B 194 29.10 16.74 -14.79
N GLN B 195 29.81 17.57 -14.07
CA GLN B 195 30.56 17.09 -12.91
C GLN B 195 29.64 16.77 -11.73
N GLN B 196 28.48 17.39 -11.65
CA GLN B 196 27.54 17.07 -10.57
C GLN B 196 26.97 15.67 -10.74
N HIS B 197 26.47 15.36 -11.94
CA HIS B 197 25.92 14.05 -12.18
C HIS B 197 27.00 12.98 -12.03
N GLN B 198 28.20 13.24 -12.56
CA GLN B 198 29.25 12.23 -12.47
C GLN B 198 29.60 11.91 -11.02
N ARG B 199 29.81 12.97 -10.21
CA ARG B 199 30.18 12.78 -8.81
C ARG B 199 29.06 12.14 -8.02
N LEU B 200 27.82 12.52 -8.29
CA LEU B 200 26.70 11.78 -7.70
C LEU B 200 26.80 10.29 -7.97
N ALA B 201 26.98 9.91 -9.23
CA ALA B 201 27.15 8.51 -9.59
C ALA B 201 28.31 7.90 -8.83
N GLN B 202 29.42 8.60 -8.77
CA GLN B 202 30.57 8.02 -8.11
C GLN B 202 30.25 7.72 -6.65
N LEU B 203 29.51 8.62 -6.00
CA LEU B 203 29.24 8.44 -4.58
C LEU B 203 28.33 7.25 -4.36
N LEU B 204 27.26 7.15 -5.18
CA LEU B 204 26.30 6.08 -5.02
C LEU B 204 26.88 4.74 -5.44
N LEU B 205 27.83 4.71 -6.39
CA LEU B 205 28.46 3.44 -6.75
C LEU B 205 29.31 2.86 -5.62
N ILE B 206 29.96 3.69 -4.81
CA ILE B 206 30.64 3.17 -3.64
C ILE B 206 29.65 2.53 -2.65
N LEU B 207 28.40 2.98 -2.64
CA LEU B 207 27.45 2.36 -1.71
C LEU B 207 27.23 0.89 -2.02
N SER B 208 27.41 0.49 -3.29
CA SER B 208 27.44 -0.93 -3.67
C SER B 208 28.58 -1.67 -2.99
N HIS B 209 29.76 -1.05 -2.95
CA HIS B 209 30.92 -1.66 -2.30
C HIS B 209 30.71 -1.81 -0.81
N ILE B 210 30.03 -0.84 -0.18
CA ILE B 210 29.79 -0.92 1.26
C ILE B 210 28.86 -2.09 1.58
N ARG B 211 27.77 -2.24 0.82
CA ARG B 211 26.89 -3.39 1.00
C ARG B 211 27.68 -4.68 0.94
N HIS B 212 28.55 -4.77 -0.06
CA HIS B 212 29.36 -5.97 -0.23
C HIS B 212 30.26 -6.20 0.99
N MET B 213 30.91 -5.16 1.47
CA MET B 213 31.69 -5.28 2.71
C MET B 213 30.81 -5.69 3.89
N SER B 214 29.62 -5.09 4.01
CA SER B 214 28.70 -5.47 5.08
C SER B 214 28.31 -6.94 5.00
N ASN B 215 27.97 -7.41 3.80
CA ASN B 215 27.64 -8.83 3.65
C ASN B 215 28.84 -9.71 3.99
N LYS B 216 30.06 -9.34 3.55
CA LYS B 216 31.19 -10.19 3.88
C LYS B 216 31.47 -10.20 5.38
N GLY B 217 31.41 -9.02 6.01
CA GLY B 217 31.58 -8.93 7.44
C GLY B 217 30.57 -9.79 8.18
N MET B 218 29.32 -9.77 7.71
CA MET B 218 28.29 -10.59 8.34
C MET B 218 28.64 -12.07 8.27
N GLU B 219 29.03 -12.54 7.09
CA GLU B 219 29.32 -13.97 7.00
C GLU B 219 30.60 -14.31 7.75
N HIS B 220 31.54 -13.37 7.84
CA HIS B 220 32.73 -13.64 8.64
C HIS B 220 32.38 -13.62 10.13
N LEU B 221 31.35 -12.84 10.52
CA LEU B 221 30.84 -12.92 11.89
C LEU B 221 30.30 -14.31 12.17
N TYR B 222 29.52 -14.85 11.24
CA TYR B 222 28.97 -16.19 11.43
C TYR B 222 30.08 -17.21 11.61
N SER B 223 30.97 -17.32 10.63
CA SER B 223 32.05 -18.29 10.72
C SER B 223 32.85 -18.11 12.02
N MET B 224 33.02 -16.86 12.46
CA MET B 224 33.73 -16.58 13.71
C MET B 224 32.77 -16.75 14.89
N ASN B 228 24.59 -13.84 17.28
CA ASN B 228 24.59 -13.40 18.67
C ASN B 228 24.85 -11.91 18.77
N VAL B 229 25.97 -11.50 18.15
CA VAL B 229 26.43 -10.12 18.28
C VAL B 229 25.65 -9.19 17.36
N VAL B 230 24.94 -9.75 16.40
CA VAL B 230 24.01 -9.03 15.55
C VAL B 230 22.76 -8.62 16.32
N PRO B 231 22.42 -7.33 16.34
CA PRO B 231 21.24 -6.90 17.09
C PRO B 231 19.99 -7.45 16.43
N SER B 232 19.08 -7.98 17.25
CA SER B 232 17.89 -8.65 16.76
C SER B 232 16.77 -7.66 16.47
N TYR B 233 15.84 -8.08 15.61
CA TYR B 233 14.66 -7.27 15.34
C TYR B 233 14.00 -6.83 16.64
N ASP B 234 13.87 -7.73 17.62
CA ASP B 234 13.24 -7.37 18.88
C ASP B 234 14.07 -6.37 19.66
N LEU B 235 15.39 -6.54 19.66
CA LEU B 235 16.27 -5.59 20.34
C LEU B 235 16.11 -4.19 19.74
N LEU B 236 16.21 -4.10 18.41
CA LEU B 236 16.09 -2.81 17.75
C LEU B 236 14.76 -2.16 18.08
N LEU B 237 13.69 -2.95 18.08
CA LEU B 237 12.37 -2.39 18.36
C LEU B 237 12.28 -1.91 19.80
N GLU B 238 12.89 -2.64 20.74
CA GLU B 238 12.96 -2.17 22.11
C GLU B 238 13.70 -0.86 22.21
N MET B 239 14.88 -0.80 21.60
CA MET B 239 15.70 0.42 21.63
C MET B 239 14.97 1.58 20.96
N LEU B 240 14.26 1.31 19.86
CA LEU B 240 13.51 2.36 19.17
C LEU B 240 12.33 2.85 20.03
N ASP B 241 11.58 1.92 20.63
CA ASP B 241 10.41 2.29 21.40
C ASP B 241 10.76 2.63 22.83
N ALA B 242 11.70 1.89 23.42
CA ALA B 242 12.13 2.12 24.80
C ALA B 242 10.97 1.86 25.76
N LEU C 2 -20.36 19.11 -18.11
CA LEU C 2 -18.97 19.34 -17.75
C LEU C 2 -18.45 18.30 -16.76
N ALA C 3 -19.25 18.08 -15.72
CA ALA C 3 -18.83 17.22 -14.62
C ALA C 3 -18.44 15.82 -15.11
N LEU C 4 -19.29 15.20 -15.93
CA LEU C 4 -19.03 13.83 -16.35
C LEU C 4 -17.92 13.72 -17.38
N SER C 5 -17.24 14.81 -17.74
CA SER C 5 -16.10 14.75 -18.66
C SER C 5 -14.76 14.76 -17.93
N LEU C 6 -14.77 14.82 -16.61
CA LEU C 6 -13.52 14.92 -15.86
C LEU C 6 -12.76 13.60 -15.84
N THR C 7 -11.44 13.69 -15.75
CA THR C 7 -10.57 12.56 -15.53
C THR C 7 -10.53 12.24 -14.04
N ALA C 8 -10.00 11.06 -13.70
CA ALA C 8 -9.90 10.67 -12.30
C ALA C 8 -9.11 11.71 -11.51
N ASP C 9 -7.97 12.15 -12.05
CA ASP C 9 -7.13 13.08 -11.32
C ASP C 9 -7.80 14.43 -11.16
N GLN C 10 -8.58 14.86 -12.16
CA GLN C 10 -9.26 16.14 -12.04
C GLN C 10 -10.38 16.11 -11.01
N MET C 11 -11.02 14.95 -10.84
CA MET C 11 -12.04 14.79 -9.80
C MET C 11 -11.43 14.86 -8.41
N VAL C 12 -10.33 14.14 -8.20
CA VAL C 12 -9.59 14.22 -6.94
C VAL C 12 -9.26 15.66 -6.58
N SER C 13 -8.57 16.36 -7.50
CA SER C 13 -8.17 17.75 -7.28
C SER C 13 -9.38 18.62 -6.94
N ALA C 14 -10.45 18.51 -7.73
CA ALA C 14 -11.64 19.31 -7.45
C ALA C 14 -12.17 19.03 -6.05
N LEU C 15 -12.39 17.75 -5.72
CA LEU C 15 -12.90 17.42 -4.40
C LEU C 15 -12.00 17.98 -3.29
N LEU C 16 -10.69 17.81 -3.41
CA LEU C 16 -9.81 18.31 -2.36
C LEU C 16 -9.92 19.84 -2.23
N ASP C 17 -9.96 20.54 -3.38
CA ASP C 17 -10.04 22.00 -3.33
C ASP C 17 -11.32 22.48 -2.66
N ALA C 18 -12.37 21.66 -2.69
CA ALA C 18 -13.68 22.02 -2.15
C ALA C 18 -13.80 21.75 -0.66
N GLU C 19 -12.85 21.05 -0.06
CA GLU C 19 -12.99 20.63 1.33
C GLU C 19 -13.33 21.83 2.21
N PRO C 20 -14.22 21.67 3.17
CA PRO C 20 -14.60 22.81 4.03
C PRO C 20 -13.58 23.02 5.14
N PRO C 21 -13.58 24.18 5.78
CA PRO C 21 -12.59 24.42 6.86
C PRO C 21 -12.97 23.71 8.15
N ILE C 22 -11.99 23.58 9.02
CA ILE C 22 -12.27 23.05 10.36
C ILE C 22 -12.62 24.21 11.27
N LEU C 23 -13.76 24.10 11.97
CA LEU C 23 -14.24 25.15 12.83
C LEU C 23 -13.90 24.86 14.30
N TYR C 24 -13.84 25.92 15.09
CA TYR C 24 -13.64 25.76 16.51
C TYR C 24 -14.99 25.74 17.22
N SER C 25 -15.05 25.02 18.34
CA SER C 25 -16.16 25.15 19.29
C SER C 25 -16.07 26.50 20.03
N GLU C 26 -17.19 26.92 20.63
CA GLU C 26 -17.19 28.16 21.38
C GLU C 26 -16.07 28.14 22.41
N TYR C 27 -15.50 29.31 22.70
CA TYR C 27 -14.16 29.36 23.26
C TYR C 27 -14.08 28.77 24.66
N ASP C 28 -14.75 29.37 25.64
CA ASP C 28 -14.65 28.88 27.01
C ASP C 28 -16.00 28.45 27.57
N PRO C 29 -16.45 27.24 27.25
CA PRO C 29 -17.63 26.70 27.92
C PRO C 29 -17.30 26.37 29.37
N THR C 30 -18.26 26.57 30.24
CA THR C 30 -18.11 26.10 31.61
C THR C 30 -17.88 24.59 31.56
N ARG C 31 -16.78 24.12 32.14
CA ARG C 31 -16.55 22.67 32.25
C ARG C 31 -16.61 22.29 33.73
N PRO C 32 -17.27 21.20 34.10
CA PRO C 32 -17.84 20.13 33.31
C PRO C 32 -19.12 20.55 32.63
N PHE C 33 -19.51 19.82 31.60
CA PHE C 33 -20.73 20.12 30.86
C PHE C 33 -21.94 19.54 31.59
N SER C 34 -23.10 20.22 31.41
CA SER C 34 -24.41 19.73 31.84
C SER C 34 -25.28 19.12 30.71
N GLU C 35 -26.63 18.78 30.83
CA GLU C 35 -26.81 17.73 29.77
C GLU C 35 -27.21 18.60 28.61
N ALA C 36 -27.55 19.89 28.89
CA ALA C 36 -27.92 20.89 27.90
C ALA C 36 -26.71 21.66 27.39
N SER C 37 -25.72 21.93 28.24
CA SER C 37 -24.63 22.79 27.82
C SER C 37 -23.92 22.15 26.64
N MET C 38 -23.65 20.86 26.75
CA MET C 38 -23.05 20.18 25.60
C MET C 38 -23.95 20.24 24.37
N MET C 39 -25.23 19.95 24.55
CA MET C 39 -26.13 20.01 23.41
C MET C 39 -26.02 21.37 22.73
N GLY C 40 -25.88 22.43 23.54
CA GLY C 40 -25.72 23.77 22.98
C GLY C 40 -24.44 23.88 22.17
N LEU C 41 -23.32 23.46 22.75
CA LEU C 41 -22.06 23.50 22.02
C LEU C 41 -22.16 22.73 20.71
N LEU C 42 -22.65 21.49 20.75
CA LEU C 42 -22.66 20.70 19.52
C LEU C 42 -23.63 21.29 18.50
N THR C 43 -24.81 21.69 18.94
CA THR C 43 -25.76 22.31 18.03
C THR C 43 -25.19 23.55 17.38
N ASN C 44 -24.38 24.32 18.12
CA ASN C 44 -23.83 25.57 17.60
C ASN C 44 -22.72 25.32 16.61
N LEU C 45 -21.90 24.30 16.87
CA LEU C 45 -20.88 23.89 15.91
C LEU C 45 -21.52 23.31 14.65
N ALA C 46 -22.53 22.46 14.81
CA ALA C 46 -23.16 21.86 13.63
C ALA C 46 -23.79 22.95 12.76
N ASP C 47 -24.51 23.89 13.39
CA ASP C 47 -25.17 24.93 12.63
C ASP C 47 -24.20 25.76 11.82
N ARG C 48 -22.99 25.95 12.32
CA ARG C 48 -22.00 26.74 11.62
C ARG C 48 -21.31 25.92 10.56
N GLU C 49 -21.06 24.64 10.87
CA GLU C 49 -20.55 23.72 9.87
C GLU C 49 -21.48 23.63 8.67
N LEU C 50 -22.80 23.62 8.90
CA LEU C 50 -23.72 23.39 7.78
C LEU C 50 -23.51 24.40 6.65
N VAL C 51 -23.19 25.65 6.99
CA VAL C 51 -23.01 26.68 5.99
C VAL C 51 -21.88 26.30 5.02
N HIS C 52 -20.76 25.90 5.58
CA HIS C 52 -19.64 25.49 4.76
C HIS C 52 -19.92 24.20 4.04
N MET C 53 -20.81 23.35 4.57
CA MET C 53 -21.11 22.10 3.85
C MET C 53 -21.90 22.39 2.59
N ILE C 54 -22.74 23.43 2.61
CA ILE C 54 -23.47 23.78 1.40
C ILE C 54 -22.51 24.41 0.39
N ASN C 55 -21.55 25.21 0.85
CA ASN C 55 -20.55 25.70 -0.09
C ASN C 55 -19.78 24.54 -0.71
N TRP C 56 -19.45 23.53 0.10
CA TRP C 56 -18.73 22.37 -0.40
C TRP C 56 -19.60 21.56 -1.34
N ALA C 57 -20.88 21.39 -1.00
CA ALA C 57 -21.75 20.61 -1.84
C ALA C 57 -21.84 21.19 -3.24
N LYS C 58 -21.86 22.53 -3.35
CA LYS C 58 -22.00 23.18 -4.65
C LYS C 58 -20.78 22.94 -5.54
N ARG C 59 -19.65 22.60 -4.95
CA ARG C 59 -18.43 22.31 -5.70
C ARG C 59 -18.18 20.83 -5.92
N VAL C 60 -19.07 19.96 -5.47
CA VAL C 60 -19.00 18.53 -5.81
C VAL C 60 -19.43 18.42 -7.27
N PRO C 61 -18.56 17.97 -8.17
CA PRO C 61 -18.94 17.94 -9.59
C PRO C 61 -20.26 17.19 -9.80
N GLY C 62 -21.11 17.75 -10.66
CA GLY C 62 -22.40 17.19 -10.93
C GLY C 62 -23.51 17.67 -10.00
N PHE C 63 -23.16 18.18 -8.83
CA PHE C 63 -24.20 18.52 -7.87
C PHE C 63 -25.06 19.68 -8.35
N VAL C 64 -24.43 20.77 -8.78
CA VAL C 64 -25.17 21.96 -9.22
C VAL C 64 -25.90 21.76 -10.54
N ASP C 65 -25.65 20.66 -11.26
CA ASP C 65 -26.41 20.37 -12.47
C ASP C 65 -27.86 20.03 -12.14
N LEU C 66 -28.13 19.59 -10.91
CA LEU C 66 -29.46 19.18 -10.52
C LEU C 66 -30.35 20.40 -10.30
N THR C 67 -31.66 20.17 -10.30
CA THR C 67 -32.61 21.20 -9.87
C THR C 67 -32.31 21.61 -8.43
N SER C 68 -32.70 22.84 -8.07
CA SER C 68 -32.49 23.26 -6.69
C SER C 68 -33.28 22.40 -5.73
N HIS C 69 -34.45 21.94 -6.16
CA HIS C 69 -35.30 21.10 -5.31
C HIS C 69 -34.62 19.76 -5.01
N ASP C 70 -33.94 19.18 -5.98
CA ASP C 70 -33.28 17.91 -5.70
C ASP C 70 -31.97 18.10 -4.94
N GLN C 71 -31.28 19.22 -5.16
CA GLN C 71 -30.11 19.54 -4.35
C GLN C 71 -30.45 19.58 -2.88
N VAL C 72 -31.60 20.17 -2.55
CA VAL C 72 -32.04 20.26 -1.16
C VAL C 72 -32.43 18.87 -0.64
N HIS C 73 -33.20 18.12 -1.42
CA HIS C 73 -33.55 16.77 -0.98
C HIS C 73 -32.29 15.96 -0.66
N LEU C 74 -31.21 16.14 -1.41
CA LEU C 74 -29.98 15.39 -1.15
C LEU C 74 -29.30 15.88 0.11
N LEU C 75 -29.38 17.17 0.37
CA LEU C 75 -28.78 17.64 1.61
C LEU C 75 -29.64 17.27 2.80
N GLU C 76 -30.97 17.27 2.64
CA GLU C 76 -31.80 16.83 3.75
C GLU C 76 -31.49 15.42 4.16
N CYS C 77 -31.26 14.53 3.18
CA CYS C 77 -30.95 13.15 3.50
C CYS C 77 -29.53 12.93 4.01
N ALA C 78 -28.56 13.75 3.62
CA ALA C 78 -27.15 13.43 3.84
C ALA C 78 -26.47 14.23 4.94
N TRP C 79 -27.03 15.36 5.37
CA TRP C 79 -26.24 16.33 6.13
C TRP C 79 -25.60 15.71 7.38
N LEU C 80 -26.37 14.96 8.18
CA LEU C 80 -25.84 14.39 9.42
C LEU C 80 -24.78 13.32 9.15
N GLU C 81 -24.95 12.54 8.08
CA GLU C 81 -23.92 11.58 7.66
C GLU C 81 -22.62 12.27 7.23
N ILE C 82 -22.72 13.39 6.48
CA ILE C 82 -21.56 14.21 6.13
C ILE C 82 -20.89 14.78 7.39
N LEU C 83 -21.66 15.35 8.31
CA LEU C 83 -21.05 15.80 9.57
C LEU C 83 -20.35 14.65 10.30
N MET C 84 -20.98 13.47 10.38
CA MET C 84 -20.45 12.29 11.04
C MET C 84 -19.16 11.80 10.37
N ILE C 85 -19.12 11.80 9.05
CA ILE C 85 -17.92 11.23 8.46
C ILE C 85 -16.79 12.23 8.58
N GLY C 86 -17.12 13.52 8.58
CA GLY C 86 -16.13 14.54 8.86
C GLY C 86 -15.56 14.37 10.25
N LEU C 87 -16.42 14.08 11.23
CA LEU C 87 -15.96 13.89 12.60
C LEU C 87 -15.06 12.67 12.69
N VAL C 88 -15.42 11.59 11.99
CA VAL C 88 -14.67 10.34 12.09
C VAL C 88 -13.28 10.49 11.49
N TRP C 89 -13.19 11.19 10.36
CA TRP C 89 -11.91 11.54 9.75
C TRP C 89 -11.06 12.40 10.68
N ARG C 90 -11.65 13.45 11.29
CA ARG C 90 -10.87 14.26 12.22
C ARG C 90 -10.30 13.44 13.38
N SER C 91 -10.99 12.37 13.77
CA SER C 91 -10.67 11.66 14.99
C SER C 91 -9.72 10.50 14.80
N MET C 92 -9.49 10.05 13.56
CA MET C 92 -8.67 8.86 13.32
C MET C 92 -7.41 8.79 14.18
N GLU C 93 -6.66 9.92 14.16
CA GLU C 93 -5.42 10.10 14.93
C GLU C 93 -5.61 9.87 16.45
N HIS C 94 -6.80 10.15 17.04
CA HIS C 94 -6.99 10.23 18.50
C HIS C 94 -7.80 9.03 18.98
N PRO C 95 -7.15 7.89 19.16
CA PRO C 95 -7.88 6.69 19.54
C PRO C 95 -8.66 6.89 20.82
N GLY C 96 -9.89 6.38 20.83
CA GLY C 96 -10.74 6.53 21.99
C GLY C 96 -11.36 7.90 22.17
N LYS C 97 -11.17 8.83 21.22
CA LYS C 97 -11.62 10.21 21.40
C LYS C 97 -12.23 10.73 20.10
N LEU C 98 -13.21 11.63 20.25
CA LEU C 98 -13.91 12.24 19.11
C LEU C 98 -13.53 13.71 19.09
N LEU C 99 -12.88 14.12 17.99
CA LEU C 99 -12.39 15.48 17.82
C LEU C 99 -13.46 16.30 17.11
N PHE C 100 -14.47 16.70 17.87
CA PHE C 100 -15.50 17.57 17.30
C PHE C 100 -14.89 18.86 16.77
N ALA C 101 -13.96 19.45 17.53
CA ALA C 101 -13.23 20.61 17.06
C ALA C 101 -11.87 20.59 17.73
N PRO C 102 -10.90 21.35 17.21
CA PRO C 102 -9.55 21.30 17.80
C PRO C 102 -9.54 21.65 19.27
N ASN C 103 -10.53 22.40 19.74
CA ASN C 103 -10.67 22.71 21.15
C ASN C 103 -11.84 21.97 21.78
N LEU C 104 -12.32 20.91 21.15
CA LEU C 104 -13.42 20.13 21.74
C LEU C 104 -13.13 18.68 21.43
N LEU C 105 -12.23 18.09 22.21
CA LEU C 105 -11.83 16.69 22.07
C LEU C 105 -12.48 15.92 23.20
N LEU C 106 -13.34 14.97 22.89
CA LEU C 106 -14.16 14.35 23.92
C LEU C 106 -13.81 12.88 24.12
N ASP C 107 -13.63 12.52 25.39
CA ASP C 107 -13.53 11.14 25.85
C ASP C 107 -14.89 10.45 25.71
N ARG C 108 -14.86 9.13 25.68
CA ARG C 108 -16.10 8.38 25.80
C ARG C 108 -16.84 8.76 27.08
N ASN C 109 -16.10 9.15 28.13
CA ASN C 109 -16.73 9.41 29.41
C ASN C 109 -17.69 10.59 29.34
N GLN C 110 -17.44 11.52 28.42
CA GLN C 110 -18.20 12.76 28.34
C GLN C 110 -19.41 12.66 27.42
N GLY C 111 -19.51 11.61 26.59
CA GLY C 111 -20.75 11.36 25.86
C GLY C 111 -21.88 10.94 26.76
N LYS C 112 -21.56 10.53 27.99
CA LYS C 112 -22.57 10.11 28.95
C LYS C 112 -23.32 11.33 29.50
N CYS C 113 -22.69 12.52 29.48
CA CYS C 113 -23.35 13.71 29.99
C CYS C 113 -24.68 13.94 29.31
N VAL C 114 -24.87 13.40 28.12
CA VAL C 114 -26.15 13.43 27.41
C VAL C 114 -26.71 12.01 27.41
N GLU C 115 -27.95 11.87 27.85
CA GLU C 115 -28.42 10.56 28.31
C GLU C 115 -28.29 9.52 27.22
N GLY C 116 -28.63 9.86 25.99
CA GLY C 116 -28.80 8.82 24.99
C GLY C 116 -27.73 8.77 23.91
N MET C 117 -26.55 9.29 24.22
CA MET C 117 -25.56 9.47 23.19
C MET C 117 -24.35 8.57 23.32
N VAL C 118 -24.10 7.98 24.47
CA VAL C 118 -22.97 7.06 24.60
C VAL C 118 -23.02 6.01 23.50
N GLU C 119 -24.21 5.47 23.25
CA GLU C 119 -24.40 4.45 22.21
C GLU C 119 -23.90 4.97 20.87
N ILE C 120 -24.10 6.26 20.62
CA ILE C 120 -23.71 6.83 19.34
C ILE C 120 -22.23 7.11 19.30
N PHE C 121 -21.64 7.65 20.38
CA PHE C 121 -20.18 7.77 20.34
C PHE C 121 -19.49 6.45 20.06
N ASP C 122 -19.78 5.43 20.85
CA ASP C 122 -19.13 4.14 20.67
C ASP C 122 -19.20 3.70 19.20
N MET C 123 -20.32 3.97 18.52
CA MET C 123 -20.39 3.70 17.10
C MET C 123 -19.47 4.64 16.32
N LEU C 124 -19.44 5.92 16.69
CA LEU C 124 -18.55 6.82 15.98
C LEU C 124 -17.10 6.43 16.22
N LEU C 125 -16.77 6.05 17.45
CA LEU C 125 -15.39 5.68 17.75
C LEU C 125 -14.96 4.42 17.00
N ALA C 126 -15.85 3.43 16.93
CA ALA C 126 -15.56 2.23 16.16
C ALA C 126 -15.34 2.53 14.68
N THR C 127 -16.06 3.49 14.11
CA THR C 127 -15.79 3.82 12.71
C THR C 127 -14.42 4.45 12.53
N SER C 128 -14.01 5.30 13.48
CA SER C 128 -12.70 5.94 13.38
C SER C 128 -11.58 4.92 13.51
N SER C 129 -11.71 3.97 14.42
CA SER C 129 -10.73 2.88 14.54
C SER C 129 -10.69 2.05 13.26
N ARG C 130 -11.87 1.67 12.77
CA ARG C 130 -11.99 1.08 11.45
C ARG C 130 -11.25 1.88 10.36
N PHE C 131 -11.54 3.18 10.23
CA PHE C 131 -10.81 3.92 9.19
C PHE C 131 -9.31 3.91 9.45
N ARG C 132 -8.91 3.97 10.73
CA ARG C 132 -7.51 3.85 11.10
C ARG C 132 -6.96 2.51 10.65
N MET C 133 -7.69 1.42 10.91
CA MET C 133 -7.21 0.09 10.53
C MET C 133 -6.94 0.03 9.03
N MET C 134 -7.85 0.57 8.23
CA MET C 134 -7.68 0.50 6.78
C MET C 134 -6.67 1.50 6.23
N ASN C 135 -6.12 2.36 7.07
CA ASN C 135 -5.24 3.42 6.59
C ASN C 135 -5.97 4.21 5.50
N LEU C 136 -7.15 4.71 5.84
CA LEU C 136 -7.89 5.53 4.89
C LEU C 136 -7.09 6.76 4.51
N GLN C 137 -7.03 7.05 3.21
CA GLN C 137 -6.32 8.22 2.72
C GLN C 137 -7.29 9.38 2.52
N GLY C 138 -6.74 10.60 2.61
CA GLY C 138 -7.54 11.80 2.41
C GLY C 138 -8.26 11.83 1.07
N GLU C 139 -7.55 11.47 -0.01
CA GLU C 139 -8.17 11.38 -1.33
C GLU C 139 -9.36 10.42 -1.32
N GLU C 140 -9.26 9.35 -0.54
CA GLU C 140 -10.37 8.40 -0.45
C GLU C 140 -11.52 8.98 0.34
N PHE C 141 -11.21 9.64 1.46
CA PHE C 141 -12.25 10.26 2.28
C PHE C 141 -13.10 11.24 1.46
N VAL C 142 -12.47 12.10 0.65
CA VAL C 142 -13.27 13.10 -0.07
C VAL C 142 -14.13 12.42 -1.12
N CYS C 143 -13.62 11.39 -1.79
CA CYS C 143 -14.49 10.60 -2.64
C CYS C 143 -15.67 10.02 -1.90
N LEU C 144 -15.44 9.42 -0.72
CA LEU C 144 -16.50 8.81 0.07
C LEU C 144 -17.50 9.86 0.54
N LYS C 145 -17.03 11.04 0.95
CA LYS C 145 -17.98 12.03 1.42
C LYS C 145 -18.91 12.48 0.29
N SER C 146 -18.39 12.52 -0.92
CA SER C 146 -19.19 12.90 -2.09
C SER C 146 -20.18 11.82 -2.46
N ILE C 147 -19.81 10.55 -2.27
CA ILE C 147 -20.76 9.47 -2.52
C ILE C 147 -21.95 9.59 -1.58
N ILE C 148 -21.70 9.92 -0.32
CA ILE C 148 -22.79 10.03 0.64
C ILE C 148 -23.77 11.13 0.21
N LEU C 149 -23.26 12.24 -0.29
CA LEU C 149 -24.13 13.34 -0.69
C LEU C 149 -25.03 12.93 -1.86
N LEU C 150 -24.45 12.27 -2.85
CA LEU C 150 -25.24 11.92 -4.01
C LEU C 150 -26.10 10.69 -3.80
N ASN C 151 -25.65 9.73 -2.99
CA ASN C 151 -26.37 8.45 -2.86
C ASN C 151 -27.50 8.52 -1.87
N SER C 152 -27.29 9.21 -0.75
CA SER C 152 -28.18 9.00 0.39
C SER C 152 -29.61 9.33 0.03
N GLY C 153 -29.83 10.29 -0.86
CA GLY C 153 -31.20 10.68 -1.18
C GLY C 153 -31.68 10.26 -2.55
N VAL C 154 -30.83 9.56 -3.31
CA VAL C 154 -31.21 9.29 -4.69
C VAL C 154 -32.43 8.37 -4.78
N TYR C 155 -32.59 7.44 -3.83
CA TYR C 155 -33.64 6.43 -3.94
C TYR C 155 -35.02 6.98 -3.63
N THR C 156 -35.09 8.03 -2.85
CA THR C 156 -36.34 8.66 -2.47
C THR C 156 -36.69 9.95 -3.17
N PHE C 157 -36.55 9.90 -4.48
CA PHE C 157 -36.90 10.93 -5.41
C PHE C 157 -38.19 10.33 -5.96
N THR C 161 -41.94 10.99 -13.82
CA THR C 161 -41.70 12.03 -14.78
C THR C 161 -40.44 11.89 -15.59
N LEU C 162 -40.43 12.39 -16.81
CA LEU C 162 -39.25 12.35 -17.67
C LEU C 162 -38.03 12.90 -16.93
N LYS C 163 -38.19 14.12 -16.38
CA LYS C 163 -37.06 14.85 -15.82
C LYS C 163 -36.43 14.11 -14.65
N SER C 164 -37.27 13.59 -13.75
CA SER C 164 -36.74 12.95 -12.56
C SER C 164 -35.93 11.71 -12.91
N LEU C 165 -36.34 10.97 -13.94
CA LEU C 165 -35.57 9.80 -14.34
C LEU C 165 -34.27 10.21 -15.03
N GLU C 166 -34.32 11.28 -15.80
CA GLU C 166 -33.10 11.91 -16.27
C GLU C 166 -32.19 12.33 -15.11
N GLU C 167 -32.70 13.12 -14.14
CA GLU C 167 -31.79 13.52 -13.07
C GLU C 167 -31.19 12.33 -12.32
N LYS C 168 -31.90 11.19 -12.21
CA LYS C 168 -31.29 10.13 -11.40
C LYS C 168 -30.34 9.33 -12.33
N ASP C 169 -30.49 9.29 -13.70
CA ASP C 169 -29.39 8.78 -14.53
C ASP C 169 -28.16 9.62 -14.31
N HIS C 170 -28.37 10.92 -14.08
CA HIS C 170 -27.23 11.81 -13.90
C HIS C 170 -26.52 11.55 -12.58
N ILE C 171 -27.28 11.44 -11.49
CA ILE C 171 -26.70 11.08 -10.21
C ILE C 171 -25.84 9.82 -10.36
N HIS C 172 -26.43 8.77 -10.92
CA HIS C 172 -25.76 7.48 -10.93
C HIS C 172 -24.53 7.50 -11.82
N ARG C 173 -24.53 8.35 -12.86
CA ARG C 173 -23.35 8.48 -13.71
C ARG C 173 -22.20 9.18 -12.99
N VAL C 174 -22.48 10.27 -12.28
CA VAL C 174 -21.47 10.90 -11.44
C VAL C 174 -20.96 9.91 -10.39
N LEU C 175 -21.87 9.17 -9.74
CA LEU C 175 -21.45 8.16 -8.78
C LEU C 175 -20.55 7.12 -9.42
N ASP C 176 -20.86 6.72 -10.66
CA ASP C 176 -19.94 5.86 -11.41
C ASP C 176 -18.56 6.50 -11.58
N LYS C 177 -18.52 7.81 -11.80
CA LYS C 177 -17.23 8.47 -11.98
C LYS C 177 -16.42 8.47 -10.70
N ILE C 178 -17.08 8.66 -9.57
CA ILE C 178 -16.34 8.63 -8.31
C ILE C 178 -15.85 7.23 -7.99
N THR C 179 -16.60 6.19 -8.38
CA THR C 179 -16.09 4.83 -8.26
C THR C 179 -14.83 4.64 -9.08
N ASP C 180 -14.86 5.06 -10.36
CA ASP C 180 -13.66 4.99 -11.20
C ASP C 180 -12.50 5.75 -10.58
N THR C 181 -12.79 6.95 -10.07
CA THR C 181 -11.79 7.73 -9.37
C THR C 181 -11.19 6.96 -8.18
N LEU C 182 -12.03 6.47 -7.26
CA LEU C 182 -11.54 5.68 -6.14
C LEU C 182 -10.65 4.54 -6.64
N ILE C 183 -11.06 3.86 -7.71
CA ILE C 183 -10.28 2.74 -8.21
C ILE C 183 -8.95 3.20 -8.76
N HIS C 184 -8.96 4.33 -9.50
CA HIS C 184 -7.71 4.84 -10.07
C HIS C 184 -6.72 5.19 -8.97
N LEU C 185 -7.18 5.77 -7.87
CA LEU C 185 -6.30 6.03 -6.76
C LEU C 185 -5.70 4.73 -6.20
N MET C 186 -6.51 3.66 -6.12
CA MET C 186 -5.99 2.39 -5.61
C MET C 186 -4.96 1.78 -6.54
N ALA C 187 -5.24 1.80 -7.84
CA ALA C 187 -4.27 1.28 -8.79
C ALA C 187 -2.99 2.09 -8.77
N LYS C 188 -3.10 3.39 -8.63
CA LYS C 188 -1.92 4.24 -8.60
C LYS C 188 -0.99 3.92 -7.44
N ALA C 189 -1.55 3.81 -6.24
CA ALA C 189 -0.77 3.37 -5.09
C ALA C 189 -0.02 2.06 -5.32
N GLY C 190 -0.50 1.20 -6.21
CA GLY C 190 0.15 -0.09 -6.46
C GLY C 190 -0.67 -1.30 -6.08
N LEU C 191 -1.86 -1.15 -5.52
CA LEU C 191 -2.68 -2.31 -5.16
C LEU C 191 -2.92 -3.22 -6.37
N THR C 192 -2.98 -4.52 -6.13
CA THR C 192 -3.39 -5.42 -7.19
C THR C 192 -4.88 -5.24 -7.50
N LEU C 193 -5.31 -5.79 -8.64
CA LEU C 193 -6.73 -5.69 -9.01
C LEU C 193 -7.63 -6.31 -7.96
N GLN C 194 -7.23 -7.48 -7.43
CA GLN C 194 -8.02 -8.11 -6.38
C GLN C 194 -8.12 -7.22 -5.15
N GLN C 195 -7.01 -6.63 -4.71
CA GLN C 195 -7.08 -5.70 -3.59
C GLN C 195 -7.92 -4.47 -3.91
N GLN C 196 -7.89 -4.02 -5.17
CA GLN C 196 -8.67 -2.83 -5.52
C GLN C 196 -10.15 -3.07 -5.23
N HIS C 197 -10.66 -4.19 -5.74
CA HIS C 197 -12.08 -4.50 -5.60
C HIS C 197 -12.41 -4.73 -4.15
N GLN C 198 -11.53 -5.42 -3.42
CA GLN C 198 -11.82 -5.68 -2.01
C GLN C 198 -11.79 -4.40 -1.18
N ARG C 199 -10.91 -3.48 -1.51
CA ARG C 199 -10.87 -2.22 -0.74
C ARG C 199 -12.04 -1.34 -1.11
N LEU C 200 -12.42 -1.32 -2.38
CA LEU C 200 -13.56 -0.50 -2.76
C LEU C 200 -14.79 -0.98 -2.02
N ALA C 201 -14.98 -2.31 -1.96
CA ALA C 201 -16.12 -2.87 -1.24
C ALA C 201 -16.06 -2.56 0.26
N GLN C 202 -14.90 -2.72 0.85
CA GLN C 202 -14.77 -2.41 2.25
C GLN C 202 -15.17 -0.96 2.55
N LEU C 203 -14.74 -0.01 1.71
CA LEU C 203 -15.03 1.40 1.97
C LEU C 203 -16.51 1.65 1.85
N LEU C 204 -17.16 1.02 0.88
CA LEU C 204 -18.58 1.31 0.65
C LEU C 204 -19.49 0.65 1.68
N LEU C 205 -19.08 -0.49 2.24
CA LEU C 205 -19.83 -1.11 3.33
C LEU C 205 -19.76 -0.32 4.63
N ILE C 206 -18.69 0.44 4.87
CA ILE C 206 -18.70 1.41 5.98
C ILE C 206 -19.85 2.39 5.84
N LEU C 207 -20.19 2.77 4.62
CA LEU C 207 -21.22 3.78 4.41
C LEU C 207 -22.54 3.34 5.00
N SER C 208 -22.86 2.05 4.90
CA SER C 208 -24.07 1.53 5.54
C SER C 208 -24.07 1.73 7.04
N HIS C 209 -22.92 1.60 7.68
CA HIS C 209 -22.88 1.85 9.12
C HIS C 209 -23.00 3.35 9.43
N ILE C 210 -22.44 4.23 8.59
CA ILE C 210 -22.61 5.67 8.79
C ILE C 210 -24.06 6.06 8.59
N ARG C 211 -24.74 5.43 7.62
CA ARG C 211 -26.18 5.59 7.46
C ARG C 211 -26.93 5.17 8.73
N HIS C 212 -26.55 4.04 9.31
CA HIS C 212 -27.21 3.62 10.55
C HIS C 212 -26.97 4.62 11.68
N MET C 213 -25.76 5.10 11.84
CA MET C 213 -25.50 6.05 12.90
C MET C 213 -26.33 7.34 12.73
N SER C 214 -26.50 7.82 11.50
CA SER C 214 -27.31 9.02 11.26
C SER C 214 -28.78 8.78 11.60
N ASN C 215 -29.30 7.62 11.20
CA ASN C 215 -30.66 7.26 11.59
C ASN C 215 -30.83 7.29 13.10
N LYS C 216 -29.88 6.70 13.83
CA LYS C 216 -29.99 6.69 15.29
C LYS C 216 -29.95 8.11 15.83
N GLY C 217 -29.08 8.94 15.26
CA GLY C 217 -28.97 10.30 15.75
C GLY C 217 -30.21 11.12 15.46
N MET C 218 -30.83 10.86 14.31
CA MET C 218 -32.02 11.63 13.95
C MET C 218 -33.20 11.29 14.83
N GLU C 219 -33.25 10.07 15.35
CA GLU C 219 -34.38 9.70 16.20
C GLU C 219 -34.50 10.75 17.30
N HIS C 220 -33.65 10.61 18.30
CA HIS C 220 -33.14 11.71 19.12
C HIS C 220 -33.40 13.13 18.65
N LEU C 221 -32.80 13.57 17.54
CA LEU C 221 -32.92 14.98 17.17
C LEU C 221 -34.39 15.36 16.98
N TYR C 222 -35.14 14.54 16.22
CA TYR C 222 -36.56 14.75 16.00
C TYR C 222 -37.34 14.38 17.25
N ASN C 228 -35.93 22.14 17.78
CA ASN C 228 -36.05 22.07 16.32
C ASN C 228 -34.68 22.24 15.66
N VAL C 229 -33.77 21.33 16.01
CA VAL C 229 -32.39 21.39 15.52
C VAL C 229 -32.31 21.14 14.02
N VAL C 230 -33.07 20.19 13.50
CA VAL C 230 -32.82 19.72 12.12
C VAL C 230 -32.99 20.89 11.15
N PRO C 231 -32.08 21.09 10.19
CA PRO C 231 -32.21 22.21 9.25
C PRO C 231 -33.39 22.01 8.32
N SER C 232 -34.24 23.02 8.23
CA SER C 232 -35.48 22.92 7.49
C SER C 232 -35.21 23.01 6.00
N TYR C 233 -36.16 22.50 5.22
CA TYR C 233 -36.10 22.60 3.77
C TYR C 233 -35.84 24.04 3.35
N ASP C 234 -36.69 24.95 3.83
CA ASP C 234 -36.52 26.37 3.50
C ASP C 234 -35.13 26.88 3.83
N LEU C 235 -34.67 26.60 5.05
CA LEU C 235 -33.32 27.00 5.45
C LEU C 235 -32.29 26.53 4.43
N LEU C 236 -32.30 25.24 4.10
CA LEU C 236 -31.28 24.74 3.19
C LEU C 236 -31.42 25.38 1.82
N LEU C 237 -32.65 25.63 1.37
CA LEU C 237 -32.84 26.27 0.07
C LEU C 237 -32.25 27.67 0.05
N GLU C 238 -32.52 28.45 1.10
CA GLU C 238 -31.99 29.81 1.16
C GLU C 238 -30.47 29.79 1.14
N MET C 239 -29.84 28.90 1.90
CA MET C 239 -28.38 28.94 1.91
C MET C 239 -27.83 28.52 0.55
N LEU C 240 -28.52 27.61 -0.15
CA LEU C 240 -28.03 27.17 -1.44
C LEU C 240 -28.00 28.32 -2.46
N ASP C 241 -28.99 29.19 -2.43
CA ASP C 241 -29.21 30.08 -3.57
C ASP C 241 -28.59 31.46 -3.34
N ALA C 242 -27.74 31.61 -2.33
CA ALA C 242 -27.09 32.88 -2.06
C ALA C 242 -26.21 33.35 -3.23
N SER D 1 -12.23 -21.68 8.41
CA SER D 1 -11.19 -21.63 7.38
C SER D 1 -11.71 -22.24 6.09
N LEU D 2 -12.51 -23.31 6.22
CA LEU D 2 -13.15 -23.90 5.06
C LEU D 2 -13.79 -22.85 4.17
N ALA D 3 -14.39 -21.82 4.77
CA ALA D 3 -15.03 -20.77 4.01
C ALA D 3 -14.05 -20.06 3.08
N LEU D 4 -12.80 -19.91 3.50
CA LEU D 4 -11.87 -19.11 2.72
C LEU D 4 -11.23 -19.87 1.57
N SER D 5 -11.36 -21.19 1.52
CA SER D 5 -10.85 -21.96 0.39
C SER D 5 -11.90 -22.15 -0.69
N LEU D 6 -13.10 -21.63 -0.50
CA LEU D 6 -14.13 -21.79 -1.51
C LEU D 6 -13.81 -20.93 -2.73
N THR D 7 -14.12 -21.46 -3.91
CA THR D 7 -14.09 -20.67 -5.13
C THR D 7 -15.38 -19.85 -5.25
N ALA D 8 -15.37 -18.90 -6.18
CA ALA D 8 -16.60 -18.16 -6.47
C ALA D 8 -17.76 -19.11 -6.81
N ASP D 9 -17.49 -20.07 -7.70
CA ASP D 9 -18.53 -21.01 -8.10
C ASP D 9 -19.04 -21.81 -6.90
N GLN D 10 -18.16 -22.20 -5.99
CA GLN D 10 -18.62 -22.98 -4.84
C GLN D 10 -19.47 -22.12 -3.91
N MET D 11 -19.03 -20.87 -3.69
CA MET D 11 -19.77 -19.94 -2.84
C MET D 11 -21.16 -19.69 -3.39
N VAL D 12 -21.25 -19.41 -4.69
CA VAL D 12 -22.54 -19.23 -5.34
C VAL D 12 -23.40 -20.45 -5.14
N SER D 13 -22.85 -21.63 -5.38
CA SER D 13 -23.65 -22.85 -5.22
C SER D 13 -24.14 -23.01 -3.80
N ALA D 14 -23.28 -22.73 -2.81
CA ALA D 14 -23.69 -22.87 -1.41
C ALA D 14 -24.85 -21.92 -1.09
N LEU D 15 -24.69 -20.65 -1.43
CA LEU D 15 -25.74 -19.68 -1.13
C LEU D 15 -27.03 -20.03 -1.88
N LEU D 16 -26.91 -20.48 -3.13
CA LEU D 16 -28.13 -20.84 -3.88
C LEU D 16 -28.82 -22.06 -3.26
N ASP D 17 -28.03 -23.06 -2.80
CA ASP D 17 -28.62 -24.22 -2.14
C ASP D 17 -29.32 -23.88 -0.83
N ALA D 18 -28.88 -22.84 -0.15
CA ALA D 18 -29.44 -22.46 1.14
C ALA D 18 -30.64 -21.52 1.05
N GLU D 19 -31.02 -21.10 -0.17
CA GLU D 19 -32.10 -20.13 -0.33
C GLU D 19 -33.36 -20.65 0.35
N PRO D 20 -34.00 -19.86 1.20
CA PRO D 20 -35.25 -20.31 1.82
C PRO D 20 -36.38 -20.38 0.82
N PRO D 21 -37.44 -21.12 1.13
CA PRO D 21 -38.58 -21.19 0.22
C PRO D 21 -39.44 -19.93 0.30
N ILE D 22 -40.19 -19.69 -0.77
CA ILE D 22 -41.14 -18.58 -0.78
C ILE D 22 -42.40 -19.04 -0.03
N LEU D 23 -42.67 -18.41 1.10
CA LEU D 23 -43.79 -18.82 1.92
C LEU D 23 -45.06 -18.12 1.50
N TYR D 24 -46.19 -18.74 1.84
CA TYR D 24 -47.50 -18.18 1.56
C TYR D 24 -48.13 -17.59 2.81
N SER D 25 -48.92 -16.54 2.62
CA SER D 25 -49.75 -16.04 3.69
C SER D 25 -50.88 -17.03 3.95
N GLU D 26 -51.15 -17.27 5.22
CA GLU D 26 -52.24 -18.15 5.61
C GLU D 26 -53.50 -17.30 5.83
N TYR D 27 -54.02 -16.87 4.66
CA TYR D 27 -55.09 -15.89 4.46
C TYR D 27 -54.58 -14.90 3.38
N SER D 37 -56.82 -8.70 8.51
CA SER D 37 -56.00 -7.70 9.20
C SER D 37 -54.56 -7.77 8.74
N MET D 38 -54.14 -6.78 7.95
CA MET D 38 -52.81 -6.81 7.35
C MET D 38 -51.72 -7.06 8.38
N MET D 39 -51.76 -6.33 9.49
CA MET D 39 -50.65 -6.39 10.44
C MET D 39 -50.48 -7.82 10.95
N GLY D 40 -51.57 -8.50 11.25
CA GLY D 40 -51.47 -9.89 11.68
C GLY D 40 -50.89 -10.77 10.60
N LEU D 41 -51.32 -10.57 9.34
CA LEU D 41 -50.86 -11.43 8.25
C LEU D 41 -49.35 -11.28 8.04
N LEU D 42 -48.86 -10.03 8.09
CA LEU D 42 -47.44 -9.80 7.90
C LEU D 42 -46.65 -10.34 9.08
N THR D 43 -47.14 -10.12 10.31
CA THR D 43 -46.43 -10.64 11.48
C THR D 43 -46.36 -12.15 11.45
N ASN D 44 -47.46 -12.81 11.06
CA ASN D 44 -47.45 -14.27 10.90
C ASN D 44 -46.41 -14.71 9.87
N LEU D 45 -46.41 -14.05 8.71
CA LEU D 45 -45.47 -14.39 7.65
C LEU D 45 -44.04 -14.12 8.08
N ALA D 46 -43.80 -13.00 8.77
CA ALA D 46 -42.45 -12.70 9.22
C ALA D 46 -41.99 -13.70 10.25
N ASP D 47 -42.91 -14.13 11.12
CA ASP D 47 -42.58 -15.09 12.16
C ASP D 47 -42.17 -16.42 11.55
N ARG D 48 -42.86 -16.84 10.49
CA ARG D 48 -42.48 -18.09 9.83
C ARG D 48 -41.19 -17.91 9.05
N GLU D 49 -41.01 -16.74 8.44
CA GLU D 49 -39.79 -16.47 7.68
C GLU D 49 -38.55 -16.47 8.57
N LEU D 50 -38.69 -16.04 9.81
CA LEU D 50 -37.55 -16.01 10.71
C LEU D 50 -36.97 -17.40 10.95
N VAL D 51 -37.84 -18.42 11.09
CA VAL D 51 -37.35 -19.76 11.34
C VAL D 51 -36.41 -20.22 10.23
N HIS D 52 -36.80 -19.97 8.97
CA HIS D 52 -35.94 -20.29 7.83
C HIS D 52 -34.68 -19.42 7.81
N MET D 53 -34.76 -18.19 8.29
CA MET D 53 -33.60 -17.30 8.24
C MET D 53 -32.48 -17.82 9.12
N ILE D 54 -32.80 -18.17 10.37
CA ILE D 54 -31.80 -18.80 11.25
C ILE D 54 -31.12 -19.93 10.46
N ASN D 55 -31.93 -20.86 9.95
CA ASN D 55 -31.37 -22.06 9.37
C ASN D 55 -30.73 -21.78 8.04
N TRP D 56 -31.14 -20.73 7.33
CA TRP D 56 -30.34 -20.27 6.21
C TRP D 56 -29.02 -19.64 6.66
N ALA D 57 -29.03 -18.87 7.75
CA ALA D 57 -27.80 -18.19 8.15
C ALA D 57 -26.69 -19.20 8.51
N LYS D 58 -27.04 -20.30 9.18
CA LYS D 58 -26.04 -21.30 9.53
C LYS D 58 -25.32 -21.84 8.31
N ARG D 59 -25.96 -21.77 7.14
CA ARG D 59 -25.40 -22.27 5.88
C ARG D 59 -24.57 -21.24 5.13
N VAL D 60 -24.59 -19.98 5.54
CA VAL D 60 -23.76 -18.96 4.92
C VAL D 60 -22.30 -19.33 5.20
N PRO D 61 -21.49 -19.55 4.18
CA PRO D 61 -20.11 -19.99 4.45
C PRO D 61 -19.39 -19.02 5.38
N GLY D 62 -18.77 -19.58 6.43
CA GLY D 62 -18.03 -18.80 7.39
C GLY D 62 -18.83 -18.34 8.59
N PHE D 63 -20.15 -18.51 8.58
CA PHE D 63 -20.98 -17.97 9.65
C PHE D 63 -20.89 -18.83 10.89
N VAL D 64 -20.99 -20.16 10.75
CA VAL D 64 -20.95 -21.00 11.94
C VAL D 64 -19.55 -21.16 12.49
N ASP D 65 -18.53 -20.62 11.81
CA ASP D 65 -17.19 -20.50 12.40
C ASP D 65 -17.15 -19.48 13.53
N LEU D 66 -18.20 -18.68 13.65
CA LEU D 66 -18.30 -17.63 14.65
C LEU D 66 -18.82 -18.18 15.96
N THR D 67 -18.46 -17.52 17.06
CA THR D 67 -19.05 -17.85 18.34
C THR D 67 -20.56 -17.61 18.26
N SER D 68 -21.32 -18.35 19.07
CA SER D 68 -22.77 -18.14 19.05
C SER D 68 -23.12 -16.70 19.40
N HIS D 69 -22.45 -16.11 20.40
CA HIS D 69 -22.68 -14.70 20.70
C HIS D 69 -22.55 -13.83 19.47
N ASP D 70 -21.52 -14.08 18.66
CA ASP D 70 -21.32 -13.28 17.46
C ASP D 70 -22.34 -13.61 16.37
N GLN D 71 -22.84 -14.84 16.34
CA GLN D 71 -23.87 -15.16 15.36
C GLN D 71 -25.16 -14.41 15.69
N VAL D 72 -25.55 -14.41 16.96
CA VAL D 72 -26.79 -13.74 17.34
C VAL D 72 -26.67 -12.25 17.09
N HIS D 73 -25.54 -11.66 17.46
CA HIS D 73 -25.35 -10.23 17.25
C HIS D 73 -25.63 -9.84 15.81
N LEU D 74 -25.05 -10.57 14.86
CA LEU D 74 -25.26 -10.30 13.45
C LEU D 74 -26.72 -10.53 13.03
N LEU D 75 -27.34 -11.58 13.50
CA LEU D 75 -28.74 -11.74 13.10
C LEU D 75 -29.64 -10.73 13.81
N GLU D 76 -29.32 -10.34 15.01
CA GLU D 76 -30.23 -9.40 15.64
C GLU D 76 -30.20 -8.08 14.85
N CYS D 77 -29.05 -7.72 14.31
CA CYS D 77 -28.92 -6.44 13.62
C CYS D 77 -29.33 -6.52 12.16
N ALA D 78 -29.46 -7.73 11.61
CA ALA D 78 -29.72 -7.91 10.20
C ALA D 78 -31.12 -8.36 9.82
N TRP D 79 -31.91 -8.88 10.78
CA TRP D 79 -33.12 -9.65 10.45
C TRP D 79 -34.12 -8.83 9.60
N LEU D 80 -34.30 -7.54 9.90
CA LEU D 80 -35.30 -6.82 9.10
C LEU D 80 -34.76 -6.40 7.73
N GLU D 81 -33.48 -6.08 7.64
CA GLU D 81 -32.90 -5.85 6.32
C GLU D 81 -32.98 -7.10 5.44
N ILE D 82 -32.77 -8.28 6.02
CA ILE D 82 -32.84 -9.51 5.24
C ILE D 82 -34.25 -9.78 4.77
N LEU D 83 -35.22 -9.64 5.67
CA LEU D 83 -36.62 -9.74 5.27
C LEU D 83 -36.93 -8.76 4.15
N MET D 84 -36.43 -7.52 4.25
CA MET D 84 -36.82 -6.52 3.26
C MET D 84 -36.17 -6.81 1.91
N ILE D 85 -34.95 -7.33 1.90
CA ILE D 85 -34.29 -7.51 0.62
C ILE D 85 -34.93 -8.70 -0.06
N GLY D 86 -35.42 -9.65 0.72
CA GLY D 86 -36.19 -10.75 0.14
C GLY D 86 -37.50 -10.29 -0.48
N LEU D 87 -38.19 -9.37 0.20
CA LEU D 87 -39.41 -8.77 -0.33
C LEU D 87 -39.12 -8.03 -1.63
N VAL D 88 -38.14 -7.16 -1.61
CA VAL D 88 -37.80 -6.43 -2.83
C VAL D 88 -37.48 -7.39 -3.98
N TRP D 89 -36.72 -8.46 -3.71
CA TRP D 89 -36.41 -9.44 -4.76
C TRP D 89 -37.68 -10.10 -5.30
N ARG D 90 -38.54 -10.58 -4.41
CA ARG D 90 -39.75 -11.23 -4.88
C ARG D 90 -40.58 -10.31 -5.74
N SER D 91 -40.49 -9.00 -5.53
CA SER D 91 -41.43 -8.06 -6.12
C SER D 91 -40.93 -7.43 -7.40
N MET D 92 -39.70 -7.73 -7.82
CA MET D 92 -39.12 -7.06 -8.97
C MET D 92 -40.06 -7.07 -10.16
N GLU D 93 -40.64 -8.23 -10.46
CA GLU D 93 -41.45 -8.42 -11.65
C GLU D 93 -42.90 -8.01 -11.47
N HIS D 94 -43.22 -7.33 -10.36
CA HIS D 94 -44.56 -6.80 -10.10
C HIS D 94 -44.45 -5.30 -9.88
N PRO D 95 -44.21 -4.53 -10.94
CA PRO D 95 -43.97 -3.09 -10.77
C PRO D 95 -45.11 -2.42 -9.99
N GLY D 96 -44.73 -1.51 -9.11
CA GLY D 96 -45.71 -0.81 -8.32
C GLY D 96 -46.39 -1.64 -7.25
N LYS D 97 -45.92 -2.88 -7.03
CA LYS D 97 -46.59 -3.82 -6.14
C LYS D 97 -45.56 -4.48 -5.25
N LEU D 98 -45.99 -4.91 -4.07
CA LEU D 98 -45.11 -5.62 -3.16
C LEU D 98 -45.63 -7.03 -3.00
N LEU D 99 -44.80 -8.01 -3.38
CA LEU D 99 -45.14 -9.43 -3.25
C LEU D 99 -44.67 -9.92 -1.88
N PHE D 100 -45.49 -9.59 -0.87
CA PHE D 100 -45.24 -10.12 0.47
C PHE D 100 -45.31 -11.65 0.44
N ALA D 101 -46.32 -12.20 -0.22
CA ALA D 101 -46.41 -13.63 -0.50
C ALA D 101 -47.17 -13.79 -1.80
N PRO D 102 -47.09 -14.95 -2.43
CA PRO D 102 -47.85 -15.13 -3.69
C PRO D 102 -49.33 -14.86 -3.51
N ASN D 103 -49.87 -15.01 -2.31
CA ASN D 103 -51.28 -14.73 -2.06
C ASN D 103 -51.46 -13.46 -1.22
N LEU D 104 -50.50 -12.55 -1.25
CA LEU D 104 -50.59 -11.29 -0.52
C LEU D 104 -49.75 -10.26 -1.26
N LEU D 105 -50.10 -10.03 -2.52
CA LEU D 105 -49.49 -8.99 -3.32
C LEU D 105 -50.22 -7.70 -3.02
N LEU D 106 -49.48 -6.70 -2.53
CA LEU D 106 -50.06 -5.44 -2.10
C LEU D 106 -49.64 -4.31 -3.02
N ASP D 107 -50.42 -3.25 -3.00
CA ASP D 107 -50.00 -2.07 -3.73
C ASP D 107 -50.12 -0.86 -2.82
N ARG D 108 -49.86 0.30 -3.41
CA ARG D 108 -49.67 1.53 -2.65
C ARG D 108 -50.91 1.89 -1.84
N ASN D 109 -52.10 1.66 -2.39
CA ASN D 109 -53.30 2.01 -1.65
C ASN D 109 -53.46 1.18 -0.39
N GLN D 110 -53.09 -0.10 -0.44
CA GLN D 110 -53.21 -1.00 0.71
C GLN D 110 -52.16 -0.73 1.78
N GLY D 111 -51.19 0.12 1.48
CA GLY D 111 -50.19 0.50 2.46
C GLY D 111 -50.14 2.01 2.57
N GLY D 116 -45.87 7.34 6.80
CA GLY D 116 -45.72 6.26 7.76
C GLY D 116 -45.51 4.92 7.08
N MET D 117 -46.51 4.05 7.15
CA MET D 117 -46.45 2.80 6.41
C MET D 117 -46.29 3.04 4.91
N VAL D 118 -46.93 4.10 4.37
CA VAL D 118 -46.89 4.35 2.94
C VAL D 118 -45.47 4.69 2.52
N GLU D 119 -44.75 5.41 3.39
CA GLU D 119 -43.40 5.90 3.09
C GLU D 119 -42.40 4.75 2.91
N ILE D 120 -42.34 3.84 3.90
CA ILE D 120 -41.48 2.66 3.79
C ILE D 120 -41.82 1.84 2.55
N PHE D 121 -43.05 1.78 2.19
CA PHE D 121 -43.52 1.10 0.99
C PHE D 121 -43.47 1.95 -0.27
N ASP D 122 -43.25 3.25 -0.19
CA ASP D 122 -42.65 3.93 -1.34
C ASP D 122 -41.16 3.56 -1.46
N MET D 123 -40.43 3.54 -0.35
CA MET D 123 -39.01 3.20 -0.38
C MET D 123 -38.78 1.76 -0.85
N LEU D 124 -39.61 0.82 -0.41
CA LEU D 124 -39.38 -0.57 -0.85
C LEU D 124 -39.65 -0.73 -2.33
N LEU D 125 -40.68 -0.06 -2.87
CA LEU D 125 -40.94 -0.11 -4.29
C LEU D 125 -39.79 0.51 -5.07
N ALA D 126 -39.19 1.58 -4.54
CA ALA D 126 -38.07 2.20 -5.21
C ALA D 126 -36.88 1.27 -5.26
N THR D 127 -36.72 0.42 -4.25
CA THR D 127 -35.61 -0.52 -4.29
C THR D 127 -35.86 -1.60 -5.32
N SER D 128 -37.09 -2.12 -5.39
CA SER D 128 -37.42 -3.09 -6.42
C SER D 128 -37.16 -2.53 -7.82
N SER D 129 -37.60 -1.28 -8.07
CA SER D 129 -37.38 -0.65 -9.37
C SER D 129 -35.91 -0.57 -9.70
N ARG D 130 -35.09 -0.23 -8.70
CA ARG D 130 -33.65 -0.17 -8.93
C ARG D 130 -33.10 -1.55 -9.29
N PHE D 131 -33.52 -2.59 -8.57
CA PHE D 131 -33.01 -3.91 -8.91
C PHE D 131 -33.42 -4.30 -10.32
N ARG D 132 -34.62 -3.91 -10.78
CA ARG D 132 -35.08 -4.23 -12.12
C ARG D 132 -34.29 -3.46 -13.18
N MET D 133 -34.14 -2.13 -12.99
CA MET D 133 -33.24 -1.36 -13.84
C MET D 133 -31.92 -2.06 -14.01
N MET D 134 -31.34 -2.51 -12.91
CA MET D 134 -30.02 -3.11 -12.95
C MET D 134 -30.01 -4.55 -13.44
N ASN D 135 -31.16 -5.15 -13.73
CA ASN D 135 -31.23 -6.57 -14.08
C ASN D 135 -30.50 -7.44 -13.05
N LEU D 136 -30.70 -7.11 -11.77
CA LEU D 136 -30.06 -7.88 -10.70
C LEU D 136 -30.32 -9.36 -10.93
N GLN D 137 -29.25 -10.15 -10.93
CA GLN D 137 -29.33 -11.60 -11.13
C GLN D 137 -29.50 -12.31 -9.79
N GLY D 138 -30.12 -13.48 -9.83
CA GLY D 138 -30.35 -14.21 -8.59
C GLY D 138 -29.07 -14.62 -7.85
N GLU D 139 -27.97 -14.89 -8.60
CA GLU D 139 -26.69 -15.21 -7.97
C GLU D 139 -26.07 -13.97 -7.30
N GLU D 140 -26.37 -12.77 -7.82
CA GLU D 140 -25.97 -11.55 -7.15
C GLU D 140 -26.81 -11.30 -5.91
N PHE D 141 -28.12 -11.57 -5.99
CA PHE D 141 -29.03 -11.36 -4.85
C PHE D 141 -28.56 -12.13 -3.62
N VAL D 142 -28.33 -13.42 -3.77
CA VAL D 142 -27.95 -14.21 -2.60
C VAL D 142 -26.64 -13.71 -2.04
N CYS D 143 -25.76 -13.17 -2.90
CA CYS D 143 -24.49 -12.67 -2.39
C CYS D 143 -24.71 -11.44 -1.51
N LEU D 144 -25.51 -10.48 -2.02
CA LEU D 144 -25.90 -9.27 -1.27
C LEU D 144 -26.58 -9.63 0.05
N LYS D 145 -27.43 -10.63 0.03
CA LYS D 145 -28.11 -11.02 1.25
C LYS D 145 -27.13 -11.55 2.27
N SER D 146 -26.07 -12.20 1.80
CA SER D 146 -25.02 -12.65 2.70
C SER D 146 -24.23 -11.48 3.26
N ILE D 147 -23.94 -10.47 2.42
CA ILE D 147 -23.17 -9.33 2.84
C ILE D 147 -23.89 -8.61 3.97
N ILE D 148 -25.22 -8.55 3.89
CA ILE D 148 -26.00 -7.88 4.93
C ILE D 148 -25.85 -8.61 6.24
N LEU D 149 -26.04 -9.94 6.23
CA LEU D 149 -25.92 -10.69 7.46
C LEU D 149 -24.58 -10.41 8.10
N LEU D 150 -23.50 -10.46 7.31
CA LEU D 150 -22.15 -10.47 7.87
C LEU D 150 -21.68 -9.05 8.19
N ASN D 151 -22.21 -8.04 7.51
CA ASN D 151 -21.69 -6.70 7.64
C ASN D 151 -22.50 -5.85 8.57
N SER D 152 -23.79 -6.15 8.74
CA SER D 152 -24.66 -5.17 9.42
C SER D 152 -24.28 -5.01 10.87
N GLY D 153 -23.84 -6.08 11.53
CA GLY D 153 -23.43 -6.01 12.92
C GLY D 153 -21.94 -6.09 13.18
N VAL D 154 -21.10 -5.98 12.15
CA VAL D 154 -19.68 -6.22 12.34
C VAL D 154 -19.03 -5.03 13.04
N TYR D 155 -19.42 -3.80 12.68
CA TYR D 155 -18.84 -2.60 13.27
C TYR D 155 -19.44 -2.29 14.65
N THR D 156 -20.14 -3.25 15.25
CA THR D 156 -20.84 -3.03 16.51
C THR D 156 -20.68 -4.23 17.43
N PHE D 157 -19.56 -4.94 17.31
CA PHE D 157 -19.22 -6.05 18.21
C PHE D 157 -18.68 -5.50 19.52
N LYS D 163 -12.89 -13.48 22.08
CA LYS D 163 -13.77 -13.39 20.93
C LYS D 163 -13.27 -12.38 19.91
N SER D 164 -12.99 -11.17 20.40
CA SER D 164 -12.83 -10.02 19.52
C SER D 164 -11.52 -10.10 18.73
N LEU D 165 -11.46 -9.22 17.72
CA LEU D 165 -10.35 -9.12 16.76
C LEU D 165 -10.25 -10.35 15.87
N GLU D 166 -10.03 -11.53 16.46
CA GLU D 166 -9.93 -12.74 15.66
C GLU D 166 -11.19 -12.95 14.83
N GLU D 167 -12.37 -12.90 15.46
CA GLU D 167 -13.58 -13.04 14.64
C GLU D 167 -13.71 -11.88 13.64
N LYS D 168 -13.57 -10.63 14.09
CA LYS D 168 -13.72 -9.48 13.19
C LYS D 168 -12.87 -9.65 11.94
N ASP D 169 -11.63 -10.10 12.12
CA ASP D 169 -10.83 -10.38 10.93
C ASP D 169 -11.50 -11.47 10.08
N HIS D 170 -12.04 -12.52 10.72
CA HIS D 170 -12.71 -13.60 10.00
C HIS D 170 -13.83 -13.08 9.11
N ILE D 171 -14.78 -12.34 9.70
CA ILE D 171 -15.86 -11.76 8.90
C ILE D 171 -15.32 -10.98 7.71
N HIS D 172 -14.27 -10.19 7.89
CA HIS D 172 -13.82 -9.36 6.78
C HIS D 172 -13.16 -10.19 5.69
N ARG D 173 -12.58 -11.34 6.04
CA ARG D 173 -12.09 -12.27 5.03
C ARG D 173 -13.24 -12.92 4.27
N VAL D 174 -14.27 -13.37 5.00
CA VAL D 174 -15.43 -13.93 4.31
C VAL D 174 -16.10 -12.88 3.45
N LEU D 175 -16.13 -11.64 3.93
CA LEU D 175 -16.69 -10.54 3.14
C LEU D 175 -15.83 -10.27 1.91
N ASP D 176 -14.51 -10.39 2.05
CA ASP D 176 -13.65 -10.30 0.87
C ASP D 176 -13.93 -11.42 -0.10
N LYS D 177 -14.19 -12.64 0.40
CA LYS D 177 -14.52 -13.72 -0.53
C LYS D 177 -15.76 -13.40 -1.35
N ILE D 178 -16.77 -12.81 -0.72
CA ILE D 178 -18.00 -12.53 -1.44
C ILE D 178 -17.80 -11.43 -2.47
N THR D 179 -17.03 -10.40 -2.12
CA THR D 179 -16.57 -9.46 -3.14
C THR D 179 -15.99 -10.20 -4.32
N ASP D 180 -15.00 -11.05 -4.06
CA ASP D 180 -14.38 -11.78 -5.16
C ASP D 180 -15.44 -12.54 -5.96
N THR D 181 -16.42 -13.15 -5.26
CA THR D 181 -17.48 -13.92 -5.92
C THR D 181 -18.32 -13.04 -6.82
N LEU D 182 -18.73 -11.88 -6.32
CA LEU D 182 -19.48 -10.93 -7.15
C LEU D 182 -18.68 -10.55 -8.39
N ILE D 183 -17.39 -10.28 -8.21
CA ILE D 183 -16.58 -9.86 -9.34
C ILE D 183 -16.46 -11.00 -10.35
N HIS D 184 -16.26 -12.23 -9.88
CA HIS D 184 -16.17 -13.35 -10.81
C HIS D 184 -17.48 -13.50 -11.59
N LEU D 185 -18.60 -13.46 -10.87
CA LEU D 185 -19.89 -13.56 -11.52
C LEU D 185 -20.01 -12.58 -12.68
N MET D 186 -19.53 -11.36 -12.47
CA MET D 186 -19.59 -10.33 -13.49
C MET D 186 -18.62 -10.59 -14.62
N ALA D 187 -17.41 -11.04 -14.29
CA ALA D 187 -16.43 -11.31 -15.34
C ALA D 187 -16.99 -12.29 -16.37
N LYS D 188 -17.58 -13.43 -15.92
CA LYS D 188 -18.17 -14.42 -16.83
C LYS D 188 -19.61 -14.10 -17.18
N ALA D 189 -20.09 -12.89 -16.91
CA ALA D 189 -21.18 -12.36 -17.71
C ALA D 189 -20.72 -11.40 -18.80
N GLY D 190 -19.41 -11.30 -19.02
CA GLY D 190 -18.90 -10.53 -20.13
C GLY D 190 -18.65 -9.08 -19.82
N LEU D 191 -18.83 -8.66 -18.58
CA LEU D 191 -18.60 -7.27 -18.23
C LEU D 191 -17.11 -6.95 -18.25
N THR D 192 -16.77 -5.75 -18.74
CA THR D 192 -15.38 -5.33 -18.69
C THR D 192 -14.97 -4.97 -17.26
N LEU D 193 -13.66 -4.89 -17.04
CA LEU D 193 -13.18 -4.58 -15.70
C LEU D 193 -13.81 -3.31 -15.18
N GLN D 194 -13.88 -2.28 -16.03
CA GLN D 194 -14.51 -1.04 -15.60
C GLN D 194 -15.95 -1.26 -15.18
N GLN D 195 -16.70 -2.04 -15.98
CA GLN D 195 -18.09 -2.31 -15.62
C GLN D 195 -18.19 -3.13 -14.34
N GLN D 196 -17.20 -3.99 -14.09
CA GLN D 196 -17.23 -4.84 -12.90
C GLN D 196 -17.16 -4.00 -11.63
N HIS D 197 -16.28 -3.01 -11.60
CA HIS D 197 -16.23 -2.29 -10.34
C HIS D 197 -17.40 -1.32 -10.21
N GLN D 198 -17.88 -0.77 -11.33
CA GLN D 198 -19.03 0.12 -11.27
C GLN D 198 -20.25 -0.59 -10.73
N ARG D 199 -20.51 -1.81 -11.22
CA ARG D 199 -21.69 -2.55 -10.80
C ARG D 199 -21.55 -3.05 -9.37
N LEU D 200 -20.36 -3.47 -8.98
CA LEU D 200 -20.14 -3.77 -7.56
C LEU D 200 -20.48 -2.58 -6.67
N ALA D 201 -20.01 -1.39 -7.03
CA ALA D 201 -20.32 -0.19 -6.25
C ALA D 201 -21.81 0.09 -6.22
N GLN D 202 -22.49 -0.10 -7.35
CA GLN D 202 -23.93 0.18 -7.41
C GLN D 202 -24.69 -0.76 -6.50
N LEU D 203 -24.27 -2.02 -6.45
CA LEU D 203 -24.94 -2.99 -5.61
C LEU D 203 -24.71 -2.67 -4.14
N LEU D 204 -23.47 -2.39 -3.77
CA LEU D 204 -23.19 -2.12 -2.36
C LEU D 204 -23.83 -0.83 -1.89
N LEU D 205 -23.96 0.18 -2.77
CA LEU D 205 -24.58 1.44 -2.35
C LEU D 205 -26.05 1.27 -2.06
N ILE D 206 -26.70 0.28 -2.69
CA ILE D 206 -28.11 0.06 -2.39
C ILE D 206 -28.28 -0.54 -1.01
N LEU D 207 -27.25 -1.20 -0.46
CA LEU D 207 -27.35 -1.71 0.90
C LEU D 207 -27.47 -0.59 1.92
N SER D 208 -26.88 0.57 1.63
CA SER D 208 -27.07 1.74 2.49
C SER D 208 -28.54 2.14 2.56
N HIS D 209 -29.26 2.06 1.42
CA HIS D 209 -30.70 2.34 1.41
C HIS D 209 -31.51 1.26 2.12
N ILE D 210 -31.10 0.00 2.04
CA ILE D 210 -31.80 -1.06 2.75
C ILE D 210 -31.62 -0.86 4.26
N ARG D 211 -30.41 -0.44 4.67
CA ARG D 211 -30.19 -0.14 6.09
C ARG D 211 -31.13 0.95 6.55
N HIS D 212 -31.25 1.99 5.73
CA HIS D 212 -32.13 3.12 6.03
C HIS D 212 -33.57 2.66 6.16
N MET D 213 -34.03 1.87 5.21
CA MET D 213 -35.39 1.34 5.29
C MET D 213 -35.60 0.50 6.56
N SER D 214 -34.60 -0.33 6.94
CA SER D 214 -34.74 -1.13 8.15
C SER D 214 -34.86 -0.21 9.39
N ASN D 215 -34.02 0.83 9.47
CA ASN D 215 -34.15 1.73 10.62
C ASN D 215 -35.52 2.40 10.69
N LYS D 216 -36.04 2.87 9.56
CA LYS D 216 -37.36 3.50 9.63
C LYS D 216 -38.47 2.52 9.96
N GLY D 217 -38.42 1.33 9.38
CA GLY D 217 -39.39 0.31 9.73
C GLY D 217 -39.31 -0.06 11.19
N MET D 218 -38.10 -0.09 11.74
CA MET D 218 -37.93 -0.35 13.17
C MET D 218 -38.57 0.74 14.01
N GLU D 219 -38.37 2.01 13.64
CA GLU D 219 -38.98 3.07 14.43
C GLU D 219 -40.48 3.14 14.17
N HIS D 220 -40.93 2.64 13.02
CA HIS D 220 -42.36 2.69 12.73
C HIS D 220 -43.13 1.74 13.62
N LEU D 221 -42.61 0.54 13.84
CA LEU D 221 -43.31 -0.39 14.70
C LEU D 221 -43.24 0.02 16.17
N TYR D 222 -42.19 0.72 16.55
CA TYR D 222 -42.11 1.25 17.90
C TYR D 222 -43.30 2.17 18.21
N SER D 223 -43.46 3.24 17.42
CA SER D 223 -44.46 4.24 17.71
C SER D 223 -45.84 3.88 17.18
N MET D 224 -45.95 2.80 16.41
CA MET D 224 -47.22 2.21 16.01
C MET D 224 -47.54 1.01 16.88
N LYS D 225 -46.86 -0.10 16.57
CA LYS D 225 -47.03 -1.38 17.23
C LYS D 225 -46.69 -1.22 18.70
N CYS D 226 -46.82 -2.32 19.44
CA CYS D 226 -46.21 -2.44 20.75
C CYS D 226 -44.86 -3.18 20.75
N LYS D 227 -44.19 -3.29 19.60
CA LYS D 227 -42.78 -3.63 19.59
C LYS D 227 -42.51 -4.79 20.63
N ASN D 228 -43.47 -5.72 20.59
CA ASN D 228 -43.27 -7.10 21.00
C ASN D 228 -42.61 -7.92 19.91
N VAL D 229 -42.79 -7.54 18.64
CA VAL D 229 -42.50 -8.44 17.53
C VAL D 229 -41.02 -8.57 17.22
N VAL D 230 -40.16 -7.74 17.82
CA VAL D 230 -38.75 -7.78 17.49
C VAL D 230 -38.07 -8.96 18.19
N PRO D 231 -37.48 -9.90 17.44
CA PRO D 231 -36.82 -11.04 18.10
C PRO D 231 -35.64 -10.55 18.94
N SER D 232 -35.68 -10.84 20.23
CA SER D 232 -34.65 -10.33 21.12
C SER D 232 -33.36 -11.13 21.00
N TYR D 233 -32.36 -10.74 21.78
CA TYR D 233 -31.10 -11.48 21.83
C TYR D 233 -31.34 -12.93 22.21
N ASP D 234 -31.93 -13.15 23.40
CA ASP D 234 -32.11 -14.50 23.90
C ASP D 234 -33.08 -15.27 23.02
N LEU D 235 -33.97 -14.57 22.34
CA LEU D 235 -34.74 -15.25 21.33
C LEU D 235 -33.81 -16.17 20.58
N LEU D 236 -32.96 -15.46 19.85
CA LEU D 236 -32.27 -15.91 18.69
C LEU D 236 -31.23 -16.92 19.07
N LEU D 237 -30.63 -16.74 20.25
CA LEU D 237 -29.67 -17.73 20.74
C LEU D 237 -30.35 -19.09 20.88
N GLU D 238 -31.58 -19.12 21.42
CA GLU D 238 -32.34 -20.37 21.52
C GLU D 238 -32.63 -20.96 20.15
N MET D 239 -33.10 -20.12 19.21
CA MET D 239 -33.37 -20.62 17.87
C MET D 239 -32.11 -21.13 17.21
N LEU D 240 -31.00 -20.40 17.36
CA LEU D 240 -29.73 -20.85 16.79
C LEU D 240 -29.28 -22.15 17.42
N ASP D 241 -29.53 -22.31 18.72
CA ASP D 241 -29.15 -23.53 19.42
C ASP D 241 -29.80 -24.78 18.82
N ALA D 242 -30.79 -24.63 17.94
CA ALA D 242 -31.43 -25.74 17.26
C ALA D 242 -30.72 -26.03 15.94
N1 A1AHS E . 20.41 -19.31 -5.58
C4 A1AHS E . 20.33 -18.08 -10.85
C5 A1AHS E . 20.39 -17.63 -12.25
C6 A1AHS E . 20.77 -18.49 -13.28
C7 A1AHS E . 20.81 -18.05 -14.60
C8 A1AHS E . 20.46 -16.75 -14.89
C10 A1AHS E . 20.04 -16.32 -12.56
C13 A1AHS E . 23.25 -19.54 -10.93
C15 A1AHS E . 24.07 -21.81 -10.95
C17 A1AHS E . 21.85 -21.38 -10.17
C20 A1AHS E . 20.96 -21.40 -4.27
C21 A1AHS E . 20.30 -22.20 -5.40
C22 A1AHS E . 19.20 -19.97 -5.99
C24 A1AHS E . 18.01 -22.04 -6.33
C26 A1AHS E . 14.66 -21.59 -7.65
C28 A1AHS E . 18.10 -19.28 -6.51
C1 A1AHS E . 21.15 -17.84 -8.16
C11 A1AHS E . 20.88 -19.12 -10.13
C12 A1AHS E . 22.02 -20.02 -10.43
C14 A1AHS E . 24.27 -20.45 -11.20
C16 A1AHS E . 22.86 -22.27 -10.43
C18 A1AHS E . 20.32 -18.99 -8.74
C19 A1AHS E . 21.45 -20.09 -4.88
C2 A1AHS E . 20.48 -16.62 -8.84
C23 A1AHS E . 19.14 -21.38 -5.92
C25 A1AHS E . 16.93 -21.38 -6.82
C27 A1AHS E . 16.96 -19.99 -6.91
C3 A1AHS E . 19.51 -17.32 -9.82
C9 A1AHS E . 20.10 -15.87 -13.88
O1 A1AHS E . 22.57 -17.90 -5.94
O2 A1AHS E . 20.51 -16.32 -16.19
O3 A1AHS E . 25.06 -22.70 -11.24
O4 A1AHS E . 19.08 -18.38 -9.00
O5 A1AHS E . 15.86 -22.15 -7.20
O6 A1AHS E . 20.40 -16.67 -5.86
S1 A1AHS E . 21.15 -17.83 -6.28
H6 A1AHS E . 21.01 -19.52 -13.07
H7 A1AHS E . 21.12 -18.72 -15.37
H10 A1AHS E . 19.72 -15.63 -11.79
H11 A1AHS E . 23.40 -18.49 -11.12
H15 A1AHS E . 20.92 -21.75 -9.77
H18 A1AHS E . 21.78 -21.96 -3.83
H19 A1AHS E . 20.25 -21.22 -3.46
H21 A1AHS E . 21.01 -22.41 -6.20
H20 A1AHS E . 19.95 -23.17 -5.04
H22 A1AHS E . 18.01 -23.12 -6.25
H23 A1AHS E . 14.05 -22.37 -8.10
H24 A1AHS E . 14.88 -20.82 -8.39
H25 A1AHS E . 14.14 -21.15 -6.81
H27 A1AHS E . 18.10 -18.20 -6.61
H1 A1AHS E . 22.21 -17.92 -8.41
H12 A1AHS E . 25.22 -20.09 -11.60
H14 A1AHS E . 22.73 -23.33 -10.24
H3 A1AHS E . 20.12 -19.86 -8.12
H17 A1AHS E . 21.88 -19.47 -4.11
H16 A1AHS E . 22.25 -20.31 -5.60
H4 A1AHS E . 19.93 -15.99 -8.14
H5 A1AHS E . 21.18 -15.98 -9.38
H26 A1AHS E . 16.11 -19.44 -7.30
H2 A1AHS E . 18.68 -16.71 -10.18
H9 A1AHS E . 19.86 -14.85 -14.11
H8 A1AHS E . 20.55 -15.37 -16.28
H13 A1AHS E . 24.90 -23.57 -10.85
N1 A1AHS F . 34.29 -8.69 11.01
C4 A1AHS F . 33.91 -3.54 12.84
C5 A1AHS F . 33.50 -2.17 13.29
C6 A1AHS F . 33.26 -1.85 14.64
C7 A1AHS F . 32.89 -0.56 15.00
C8 A1AHS F . 32.75 0.41 14.01
C10 A1AHS F . 33.34 -1.17 12.31
C13 A1AHS F . 31.61 -4.68 14.55
C15 A1AHS F . 31.13 -6.09 16.43
C17 A1AHS F . 33.29 -6.19 15.40
C20 A1AHS F . 34.42 -10.47 12.77
C21 A1AHS F . 35.93 -10.28 12.78
C22 A1AHS F . 35.66 -8.36 11.16
C24 A1AHS F . 37.80 -8.68 12.22
C28 A1AHS F . 36.17 -7.25 10.50
C1 A1AHS F . 33.19 -5.94 11.42
C11 A1AHS F . 33.88 -4.76 13.43
C12 A1AHS F . 32.91 -5.21 14.47
C14 A1AHS F . 30.71 -5.12 15.51
C16 A1AHS F . 32.41 -6.63 16.38
C18 A1AHS F . 34.41 -5.73 12.36
C19 A1AHS F . 33.64 -9.28 12.19
C2 A1AHS F . 33.23 -4.56 10.72
C23 A1AHS F . 36.47 -9.07 12.05
C25 A1AHS F . 38.33 -7.57 11.55
C27 A1AHS F . 37.49 -6.86 10.69
C3 A1AHS F . 34.38 -3.81 11.42
C9 A1AHS F . 32.97 0.12 12.67
O1 A1AHS F . 31.85 -7.98 10.35
O2 A1AHS F . 32.42 1.67 14.32
O3 A1AHS F . 30.24 -6.50 17.40
O4 A1AHS F . 35.25 -4.89 11.61
O5 A1AHS F . 39.63 -7.12 11.65
O6 A1AHS F . 33.75 -7.10 9.00
S1 A1AHS F . 33.21 -7.46 10.28
H6 A1AHS F . 33.36 -2.61 15.40
H7 A1AHS F . 32.70 -0.32 16.04
H10 A1AHS F . 33.52 -1.39 11.27
H11 A1AHS F . 31.30 -3.91 13.86
H15 A1AHS F . 34.28 -6.63 15.35
H18 A1AHS F . 34.06 -10.67 13.78
H19 A1AHS F . 34.16 -11.37 12.21
H21 A1AHS F . 36.41 -11.17 12.36
H20 A1AHS F . 36.28 -10.22 13.83
H22 A1AHS F . 38.43 -9.25 12.88
H27 A1AHS F . 35.57 -6.67 9.82
H1 A1AHS F . 32.30 -6.17 12.00
H12 A1AHS F . 29.71 -4.72 15.55
H14 A1AHS F . 32.72 -7.38 17.09
H3 A1AHS F . 34.99 -6.61 12.65
H17 A1AHS F . 32.63 -9.61 11.92
H16 A1AHS F . 33.54 -8.51 12.96
H4 A1AHS F . 33.43 -4.64 9.64
H5 A1AHS F . 32.30 -4.00 10.83
H26 A1AHS F . 37.87 -6.00 10.17
H2 A1AHS F . 34.88 -3.01 10.87
H9 A1AHS F . 32.84 0.88 11.92
H8 A1AHS F . 31.87 2.11 13.66
H13 A1AHS F . 29.41 -6.04 17.34
N1 A1AHS G . -27.09 12.77 18.62
C4 A1AHS G . -23.02 15.58 16.49
C5 A1AHS G . -22.08 16.25 15.57
C6 A1AHS G . -21.21 15.50 14.80
C7 A1AHS G . -20.32 16.12 13.94
C8 A1AHS G . -20.26 17.50 13.90
C10 A1AHS G . -22.03 17.63 15.51
C13 A1AHS G . -25.51 17.35 15.44
C15 A1AHS G . -26.87 19.14 16.27
C17 A1AHS G . -25.64 17.80 17.81
C20 A1AHS G . -28.31 14.74 19.56
C21 A1AHS G . -27.60 14.59 20.91
C22 A1AHS G . -26.17 12.85 19.66
C24 A1AHS G . -25.33 13.75 21.71
C26 A1AHS G . -22.48 14.13 22.57
C28 A1AHS G . -25.02 12.09 19.48
C1 A1AHS G . -25.28 13.87 16.56
C11 A1AHS G . -24.21 15.93 17.08
C12 A1AHS G . -25.13 17.04 16.76
C14 A1AHS G . -26.38 18.41 15.21
C16 A1AHS G . -26.51 18.85 17.58
C18 A1AHS G . -24.68 14.64 17.75
C19 A1AHS G . -28.42 13.35 18.87
C2 A1AHS G . -23.97 13.38 15.90
C23 A1AHS G . -26.35 13.73 20.76
C25 A1AHS G . -24.20 12.96 21.54
C27 A1AHS G . -24.03 12.13 20.44
C3 A1AHS G . -22.88 14.09 16.74
C9 A1AHS G . -21.14 18.26 14.65
O1 A1AHS G . -27.69 12.77 16.10
O2 A1AHS G . -19.40 18.14 13.05
O3 A1AHS G . -27.71 20.17 16.03
O4 A1AHS G . -23.45 13.98 18.00
O5 A1AHS G . -23.20 12.96 22.49
O6 A1AHS G . -25.80 11.25 16.86
S1 A1AHS G . -26.53 12.50 16.95
H6 A1AHS G . -21.21 14.42 14.86
H7 A1AHS G . -19.67 15.52 13.30
H10 A1AHS G . -22.68 18.23 16.13
H11 A1AHS G . -25.13 16.78 14.61
H15 A1AHS G . -25.36 17.57 18.82
H18 A1AHS G . -29.30 15.18 19.68
H19 A1AHS G . -27.76 15.44 18.91
H21 A1AHS G . -28.27 14.13 21.64
H20 A1AHS G . -27.32 15.56 21.31
H22 A1AHS G . -25.46 14.38 22.57
H23 A1AHS G . -21.88 14.26 21.66
H24 A1AHS G . -21.81 14.08 23.43
H25 A1AHS G . -23.15 14.97 22.68
H27 A1AHS G . -24.88 11.47 18.61
H1 A1AHS G . -25.92 14.52 15.97
H12 A1AHS G . -26.66 18.65 14.19
H14 A1AHS G . -26.89 19.42 18.41
H3 A1AHS G . -25.22 14.65 18.69
H17 A1AHS G . -28.99 12.68 19.52
H16 A1AHS G . -28.96 13.45 17.93
H4 A1AHS G . -23.85 12.29 15.95
H5 A1AHS G . -23.89 13.67 14.85
H26 A1AHS G . -23.14 11.52 20.33
H2 A1AHS G . -21.89 13.65 16.71
H9 A1AHS G . -21.12 19.34 14.58
H8 A1AHS G . -18.96 18.90 13.44
H13 A1AHS G . -28.10 20.54 16.84
N1 A1AHS H . -43.99 -1.08 7.83
C4 A1AHS H . -42.62 -6.20 6.72
C5 A1AHS H . -42.19 -7.48 6.10
C6 A1AHS H . -42.76 -8.72 6.40
C7 A1AHS H . -42.30 -9.88 5.75
C8 A1AHS H . -41.29 -9.77 4.80
C10 A1AHS H . -41.17 -7.41 5.14
C13 A1AHS H . -42.40 -7.44 9.59
C15 A1AHS H . -43.65 -8.11 11.53
C17 A1AHS H . -44.66 -6.69 9.87
C20 A1AHS H . -45.73 -1.27 9.46
C21 A1AHS H . -46.43 -2.20 8.46
C22 A1AHS H . -44.82 -1.39 6.73
C24 A1AHS H . -46.95 -2.24 5.97
C28 A1AHS H . -44.48 -1.11 5.40
C1 A1AHS H . -42.34 -3.74 8.07
C11 A1AHS H . -43.39 -5.95 7.83
C12 A1AHS H . -43.50 -6.71 9.11
C14 A1AHS H . -42.47 -8.14 10.80
C16 A1AHS H . -44.75 -7.39 11.08
C18 A1AHS H . -43.67 -4.45 7.74
C19 A1AHS H . -44.68 -0.32 8.86
C2 A1AHS H . -41.49 -4.03 6.81
C23 A1AHS H . -46.07 -1.94 7.00
C25 A1AHS H . -46.61 -1.99 4.64
C27 A1AHS H . -45.37 -1.41 4.36
C3 A1AHS H . -42.47 -4.88 6.00
C9 A1AHS H . -40.70 -8.55 4.48
O1 A1AHS H . -41.38 -1.23 7.93
O2 A1AHS H . -40.83 -10.87 4.16
O3 A1AHS H . -43.71 -8.80 12.70
O4 A1AHS H . -43.67 -4.23 6.34
O6 A1AHS H . -42.78 -1.87 9.94
S1 A1AHS H . -42.54 -1.90 8.49
H6 A1AHS H . -43.55 -8.81 7.13
H7 A1AHS H . -42.74 -10.84 5.99
H10 A1AHS H . -40.73 -6.46 4.88
H11 A1AHS H . -41.48 -7.47 9.03
H15 A1AHS H . -45.54 -6.13 9.53
H18 A1AHS H . -45.24 -1.89 10.23
H19 A1AHS H . -46.48 -0.69 10.00
H21 A1AHS H . -47.51 -2.10 8.56
H20 A1AHS H . -46.20 -3.24 8.68
H22 A1AHS H . -47.89 -2.68 6.22
H27 A1AHS H . -43.53 -0.65 5.15
H1 A1AHS H . -41.91 -4.15 8.99
H12 A1AHS H . -41.62 -8.69 11.16
H14 A1AHS H . -45.66 -7.36 11.66
H3 A1AHS H . -44.58 -4.08 8.20
H17 A1AHS H . -43.98 0.03 9.62
H16 A1AHS H . -45.16 0.57 8.43
H4 A1AHS H . -41.22 -3.14 6.27
H5 A1AHS H . -40.59 -4.59 7.03
H26 A1AHS H . -45.08 -1.21 3.35
H2 A1AHS H . -42.35 -4.89 4.91
H9 A1AHS H . -39.90 -8.48 3.76
H8 A1AHS H . -41.55 -11.49 4.02
H13 A1AHS H . -42.90 -9.30 12.89
#